data_4MJX
#
_entry.id   4MJX
#
_cell.length_a   118.382
_cell.length_b   118.382
_cell.length_c   56.249
_cell.angle_alpha   90.00
_cell.angle_beta   90.00
_cell.angle_gamma   90.00
#
_symmetry.space_group_name_H-M   'P 43'
#
loop_
_entity.id
_entity.type
_entity.pdbx_description
1 polymer 'Microcin immunity protein MccF'
2 non-polymer GLYCEROL
3 non-polymer 1,2-ETHANEDIOL
4 water water
#
_entity_poly.entity_id   1
_entity_poly.type   'polypeptide(L)'
_entity_poly.pdbx_seq_one_letter_code
;SNAMPLPKSLKYGDTIGIYSPSSPVTYTSPKRFERAKSYLLQKGFHILEGSLTGRYDYYRSGSIQERAKELNALIRNPNV
SCIMSTIGGMNSNSLLPYIDYDAFQNNPKIMIGYADATALLLGIYAKTGIPTFYGPALVPSFGEFEPFVDDTYKYFLETL
LHDQALPYNIKQPLFWSDEFINWEEKTKEKELRPNNWISVTNGQATGRVIGGNLNTIQGIWGSPYMPCIQEGDILFIEDS
SKDAATIERSFSFLKINGVFDKVSGIILGKHEQFDDCGTNRKPYEILLEVLQNQRIPLLADFDCCATHPMITMPIGVQVK
MDATNKTIHILEKWKI
;
_entity_poly.pdbx_strand_id   A,B
#
loop_
_chem_comp.id
_chem_comp.type
_chem_comp.name
_chem_comp.formula
EDO non-polymer 1,2-ETHANEDIOL 'C2 H6 O2'
GOL non-polymer GLYCEROL 'C3 H8 O3'
#
# COMPACT_ATOMS: atom_id res chain seq x y z
N MET A 4 18.26 -10.43 -24.04
CA MET A 4 18.35 -9.25 -23.13
C MET A 4 19.63 -8.44 -23.41
N PRO A 5 19.49 -7.11 -23.47
CA PRO A 5 20.69 -6.27 -23.48
C PRO A 5 21.23 -6.41 -22.08
N LEU A 6 22.55 -6.27 -21.86
CA LEU A 6 23.11 -6.46 -20.52
C LEU A 6 24.09 -5.37 -20.18
N PRO A 7 24.14 -4.98 -18.90
CA PRO A 7 25.15 -4.02 -18.48
C PRO A 7 26.53 -4.59 -18.41
N LYS A 8 27.54 -3.74 -18.59
CA LYS A 8 28.93 -4.15 -18.38
C LYS A 8 29.20 -4.42 -16.88
N SER A 9 30.02 -5.44 -16.58
CA SER A 9 30.50 -5.63 -15.23
C SER A 9 31.17 -4.41 -14.71
N LEU A 10 31.02 -4.20 -13.39
CA LEU A 10 31.73 -3.22 -12.66
C LEU A 10 33.23 -3.53 -12.73
N LYS A 11 34.05 -2.51 -12.73
CA LYS A 11 35.52 -2.59 -12.66
C LYS A 11 36.03 -1.62 -11.61
N TYR A 12 37.16 -2.00 -10.95
CA TYR A 12 37.83 -1.04 -10.11
C TYR A 12 38.24 0.16 -10.94
N GLY A 13 38.04 1.36 -10.41
CA GLY A 13 38.31 2.58 -11.13
C GLY A 13 37.07 3.19 -11.77
N ASP A 14 35.98 2.44 -11.77
CA ASP A 14 34.70 2.90 -12.31
C ASP A 14 34.09 3.96 -11.38
N THR A 15 33.13 4.69 -11.91
CA THR A 15 32.38 5.67 -11.14
C THR A 15 30.97 5.11 -10.89
N ILE A 16 30.60 5.13 -9.60
CA ILE A 16 29.24 4.84 -9.13
C ILE A 16 28.53 6.18 -8.93
N GLY A 17 27.44 6.39 -9.65
CA GLY A 17 26.60 7.53 -9.43
C GLY A 17 25.56 7.27 -8.37
N ILE A 18 25.38 8.22 -7.49
CA ILE A 18 24.43 8.09 -6.40
C ILE A 18 23.35 9.14 -6.57
N TYR A 19 22.11 8.72 -6.17
CA TYR A 19 20.96 9.62 -6.28
C TYR A 19 20.01 9.30 -5.12
N SER A 20 19.12 10.26 -4.81
CA SER A 20 18.24 10.16 -3.65
C SER A 20 16.82 10.29 -4.14
N PRO A 21 16.21 9.17 -4.49
CA PRO A 21 14.86 9.28 -5.08
C PRO A 21 13.75 9.45 -4.11
N SER A 22 14.05 9.40 -2.81
CA SER A 22 13.08 9.55 -1.76
C SER A 22 13.66 10.27 -0.55
N SER A 23 14.01 9.57 0.52
CA SER A 23 14.38 10.26 1.75
C SER A 23 15.72 10.98 1.56
N PRO A 24 15.85 12.15 2.21
CA PRO A 24 17.09 12.96 2.07
C PRO A 24 18.21 12.58 3.03
N VAL A 25 18.65 11.33 2.95
CA VAL A 25 19.59 10.79 3.94
C VAL A 25 20.95 11.46 3.90
N THR A 26 21.34 11.98 2.75
CA THR A 26 22.67 12.64 2.70
C THR A 26 22.70 13.90 3.51
N TYR A 27 21.53 14.47 3.81
CA TYR A 27 21.40 15.59 4.72
C TYR A 27 21.21 15.19 6.16
N THR A 28 20.38 14.18 6.38
CA THR A 28 19.96 13.82 7.75
C THR A 28 20.92 12.88 8.45
N SER A 29 21.68 12.09 7.69
CA SER A 29 22.69 11.16 8.31
C SER A 29 24.05 11.33 7.64
N PRO A 30 24.63 12.51 7.84
CA PRO A 30 25.89 12.82 7.15
C PRO A 30 27.05 11.95 7.55
N LYS A 31 27.09 11.48 8.81
CA LYS A 31 28.26 10.62 9.19
C LYS A 31 28.22 9.30 8.46
N ARG A 32 27.06 8.65 8.42
CA ARG A 32 26.96 7.39 7.80
C ARG A 32 27.16 7.53 6.27
N PHE A 33 26.67 8.64 5.72
CA PHE A 33 26.88 8.95 4.29
C PHE A 33 28.41 9.06 3.99
N GLU A 34 29.14 9.82 4.83
CA GLU A 34 30.56 10.02 4.55
C GLU A 34 31.31 8.69 4.73
N ARG A 35 30.92 7.91 5.72
CA ARG A 35 31.56 6.66 5.95
C ARG A 35 31.38 5.71 4.76
N ALA A 36 30.16 5.70 4.22
CA ALA A 36 29.83 4.83 3.08
C ALA A 36 30.66 5.25 1.83
N LYS A 37 30.70 6.56 1.54
CA LYS A 37 31.54 7.02 0.42
C LYS A 37 32.97 6.57 0.65
N SER A 38 33.52 6.86 1.82
CA SER A 38 34.90 6.53 2.05
C SER A 38 35.20 5.03 1.90
N TYR A 39 34.27 4.17 2.32
CA TYR A 39 34.41 2.75 2.21
C TYR A 39 34.64 2.37 0.77
N LEU A 40 33.77 2.85 -0.14
CA LEU A 40 33.86 2.48 -1.55
C LEU A 40 35.06 3.16 -2.22
N LEU A 41 35.38 4.41 -1.83
CA LEU A 41 36.55 5.07 -2.40
C LEU A 41 37.77 4.26 -2.08
N GLN A 42 37.90 3.78 -0.86
CA GLN A 42 39.04 2.97 -0.45
C GLN A 42 39.14 1.65 -1.20
N LYS A 43 38.00 1.05 -1.52
CA LYS A 43 37.99 -0.16 -2.34
C LYS A 43 38.43 0.10 -3.77
N GLY A 44 38.26 1.33 -4.25
CA GLY A 44 38.65 1.67 -5.60
C GLY A 44 37.62 2.16 -6.58
N PHE A 45 36.51 2.63 -6.06
CA PHE A 45 35.49 3.20 -6.91
C PHE A 45 35.32 4.67 -6.67
N HIS A 46 35.07 5.43 -7.69
CA HIS A 46 34.79 6.84 -7.56
C HIS A 46 33.30 6.97 -7.31
N ILE A 47 32.92 8.06 -6.69
CA ILE A 47 31.52 8.39 -6.47
CA ILE A 47 31.51 8.40 -6.43
C ILE A 47 31.16 9.73 -7.07
N LEU A 48 30.12 9.69 -7.90
CA LEU A 48 29.60 10.88 -8.53
C LEU A 48 28.31 11.21 -7.75
N GLU A 49 28.32 12.32 -7.03
CA GLU A 49 27.16 12.71 -6.22
C GLU A 49 26.10 13.40 -7.06
N GLY A 50 24.91 12.82 -7.08
CA GLY A 50 23.84 13.37 -7.82
C GLY A 50 23.47 14.78 -7.33
N SER A 51 22.73 15.50 -8.17
CA SER A 51 22.39 16.89 -7.96
C SER A 51 21.62 17.21 -6.69
N LEU A 52 20.96 16.20 -6.08
CA LEU A 52 20.19 16.44 -4.83
C LEU A 52 20.94 16.02 -3.57
N THR A 53 22.22 15.71 -3.74
CA THR A 53 23.04 15.33 -2.58
C THR A 53 23.15 16.57 -1.67
N GLY A 54 22.90 16.40 -0.38
CA GLY A 54 22.97 17.46 0.62
C GLY A 54 21.74 18.33 0.69
N ARG A 55 20.75 18.05 -0.15
CA ARG A 55 19.51 18.83 -0.22
C ARG A 55 18.45 18.24 0.71
N TYR A 56 17.50 19.07 1.08
CA TYR A 56 16.51 18.71 2.09
C TYR A 56 15.14 19.28 1.76
N ASP A 57 14.17 18.38 1.55
CA ASP A 57 12.76 18.77 1.45
C ASP A 57 11.90 17.91 2.39
N TYR A 58 12.32 17.87 3.65
CA TYR A 58 11.51 17.28 4.72
C TYR A 58 11.51 15.77 4.56
N TYR A 59 10.46 15.19 4.05
CA TYR A 59 10.39 13.75 3.90
C TYR A 59 11.06 13.25 2.60
N ARG A 60 11.49 14.17 1.72
CA ARG A 60 12.08 13.85 0.45
C ARG A 60 13.27 14.76 0.18
N SER A 61 14.01 14.36 -0.85
CA SER A 61 15.18 15.13 -1.29
C SER A 61 14.80 16.39 -2.10
N GLY A 62 13.65 16.36 -2.78
CA GLY A 62 13.24 17.44 -3.67
C GLY A 62 11.97 17.11 -4.41
N SER A 63 11.55 18.02 -5.29
CA SER A 63 10.37 17.86 -6.10
C SER A 63 10.46 16.61 -6.98
N ILE A 64 9.30 16.18 -7.43
CA ILE A 64 9.22 15.12 -8.43
C ILE A 64 10.16 15.38 -9.63
N GLN A 65 10.05 16.56 -10.19
CA GLN A 65 10.86 16.88 -11.35
C GLN A 65 12.35 16.86 -11.05
N GLU A 66 12.71 17.43 -9.93
CA GLU A 66 14.12 17.53 -9.57
C GLU A 66 14.69 16.13 -9.32
N ARG A 67 13.96 15.23 -8.69
CA ARG A 67 14.42 13.86 -8.48
C ARG A 67 14.58 13.10 -9.77
N ALA A 68 13.66 13.29 -10.70
CA ALA A 68 13.80 12.67 -12.00
C ALA A 68 15.01 13.22 -12.75
N LYS A 69 15.22 14.54 -12.68
CA LYS A 69 16.40 15.14 -13.32
C LYS A 69 17.68 14.56 -12.71
N GLU A 70 17.74 14.38 -11.41
CA GLU A 70 18.91 13.84 -10.74
C GLU A 70 19.27 12.49 -11.29
N LEU A 71 18.30 11.61 -11.37
CA LEU A 71 18.53 10.26 -11.89
C LEU A 71 18.84 10.30 -13.35
N ASN A 72 18.11 11.07 -14.13
CA ASN A 72 18.35 11.05 -15.56
C ASN A 72 19.78 11.56 -15.92
N ALA A 73 20.32 12.47 -15.15
CA ALA A 73 21.66 12.96 -15.42
C ALA A 73 22.65 11.82 -15.27
N LEU A 74 22.42 10.92 -14.33
CA LEU A 74 23.28 9.75 -14.17
C LEU A 74 23.08 8.76 -15.29
N ILE A 75 21.85 8.46 -15.67
CA ILE A 75 21.54 7.58 -16.77
C ILE A 75 22.23 8.03 -18.08
N ARG A 76 22.23 9.35 -18.31
CA ARG A 76 22.77 9.88 -19.53
C ARG A 76 24.29 10.10 -19.51
N ASN A 77 24.93 9.87 -18.38
CA ASN A 77 26.36 10.14 -18.25
C ASN A 77 27.13 8.87 -18.64
N PRO A 78 27.91 8.94 -19.74
CA PRO A 78 28.63 7.77 -20.17
C PRO A 78 29.78 7.36 -19.25
N ASN A 79 30.20 8.22 -18.33
CA ASN A 79 31.28 7.95 -17.40
C ASN A 79 30.88 7.13 -16.17
N VAL A 80 29.56 6.92 -16.01
CA VAL A 80 29.00 6.23 -14.85
C VAL A 80 28.66 4.79 -15.23
N SER A 81 29.18 3.80 -14.49
CA SER A 81 28.92 2.38 -14.79
CA SER A 81 28.89 2.39 -14.82
C SER A 81 27.87 1.76 -13.92
N CYS A 82 27.55 2.40 -12.83
CA CYS A 82 26.62 1.83 -11.82
C CYS A 82 25.91 3.02 -11.19
N ILE A 83 24.60 2.88 -11.07
CA ILE A 83 23.76 3.86 -10.44
C ILE A 83 23.12 3.23 -9.20
N MET A 84 23.34 3.84 -8.06
CA MET A 84 22.99 3.32 -6.76
C MET A 84 22.19 4.33 -5.97
N SER A 85 21.04 3.89 -5.42
CA SER A 85 20.26 4.75 -4.58
C SER A 85 21.03 5.02 -3.27
N THR A 86 20.87 6.20 -2.65
CA THR A 86 21.44 6.49 -1.35
C THR A 86 20.69 5.78 -0.25
N ILE A 87 19.38 5.69 -0.39
CA ILE A 87 18.47 5.08 0.56
C ILE A 87 17.09 5.07 -0.11
N GLY A 88 16.12 4.37 0.51
CA GLY A 88 14.78 4.39 0.07
C GLY A 88 13.95 5.46 0.70
N GLY A 89 12.80 5.05 1.22
CA GLY A 89 11.76 5.94 1.72
C GLY A 89 10.39 5.42 1.26
N MET A 90 9.66 6.22 0.51
CA MET A 90 8.37 5.94 0.03
C MET A 90 8.06 6.43 -1.36
N ASN A 91 8.90 7.32 -1.92
CA ASN A 91 8.46 8.15 -3.00
C ASN A 91 9.19 7.97 -4.34
N SER A 92 9.94 6.87 -4.50
CA SER A 92 10.53 6.59 -5.79
C SER A 92 9.57 6.42 -6.95
N ASN A 93 8.39 5.89 -6.67
CA ASN A 93 7.43 5.69 -7.72
C ASN A 93 6.99 6.99 -8.39
N SER A 94 7.16 8.13 -7.73
CA SER A 94 6.80 9.40 -8.38
C SER A 94 7.61 9.66 -9.62
N LEU A 95 8.84 9.15 -9.68
CA LEU A 95 9.72 9.49 -10.78
C LEU A 95 9.42 8.78 -12.09
N LEU A 96 8.65 7.70 -11.99
CA LEU A 96 8.51 6.74 -13.10
C LEU A 96 8.11 7.32 -14.42
N PRO A 97 7.14 8.25 -14.47
CA PRO A 97 6.77 8.78 -15.77
C PRO A 97 7.84 9.58 -16.48
N TYR A 98 8.88 9.96 -15.77
CA TYR A 98 9.81 10.99 -16.20
C TYR A 98 11.23 10.53 -16.45
N ILE A 99 11.48 9.23 -16.25
CA ILE A 99 12.78 8.62 -16.46
C ILE A 99 13.06 8.41 -17.96
N ASP A 100 14.32 8.59 -18.33
CA ASP A 100 14.78 8.44 -19.73
C ASP A 100 15.12 6.95 -19.88
N TYR A 101 14.09 6.15 -20.11
CA TYR A 101 14.25 4.69 -20.35
C TYR A 101 15.00 4.46 -21.64
N ASP A 102 14.79 5.30 -22.63
CA ASP A 102 15.46 5.10 -23.88
C ASP A 102 16.98 5.28 -23.74
N ALA A 103 17.41 6.28 -23.02
CA ALA A 103 18.81 6.46 -22.79
C ALA A 103 19.43 5.29 -22.01
N PHE A 104 18.68 4.75 -21.06
CA PHE A 104 19.14 3.56 -20.36
C PHE A 104 19.30 2.37 -21.27
N GLN A 105 18.29 2.14 -22.11
CA GLN A 105 18.28 1.00 -23.01
C GLN A 105 19.43 1.12 -24.01
N ASN A 106 19.77 2.35 -24.40
CA ASN A 106 20.80 2.57 -25.40
C ASN A 106 22.21 2.39 -24.85
N ASN A 107 22.34 2.60 -23.54
CA ASN A 107 23.63 2.42 -22.85
C ASN A 107 23.38 1.83 -21.49
N PRO A 108 23.14 0.53 -21.47
CA PRO A 108 22.78 -0.09 -20.24
C PRO A 108 23.87 0.06 -19.16
N LYS A 109 23.46 0.21 -17.92
CA LYS A 109 24.37 0.34 -16.78
C LYS A 109 23.79 -0.56 -15.66
N ILE A 110 24.54 -0.78 -14.62
CA ILE A 110 24.05 -1.45 -13.43
C ILE A 110 23.17 -0.52 -12.59
N MET A 111 21.94 -0.94 -12.35
CA MET A 111 21.02 -0.15 -11.48
C MET A 111 20.83 -1.01 -10.24
N ILE A 112 21.16 -0.49 -9.07
CA ILE A 112 21.13 -1.23 -7.85
C ILE A 112 20.54 -0.43 -6.69
N GLY A 113 19.84 -1.14 -5.82
CA GLY A 113 19.34 -0.58 -4.59
C GLY A 113 18.29 -1.53 -4.02
N TYR A 114 17.52 -1.09 -3.01
CA TYR A 114 16.55 -1.93 -2.41
C TYR A 114 15.42 -1.15 -1.81
N ALA A 115 14.50 -1.86 -1.18
CA ALA A 115 13.42 -1.18 -0.45
C ALA A 115 12.58 -0.31 -1.41
N ASP A 116 12.34 0.95 -1.12
CA ASP A 116 11.56 1.82 -1.99
C ASP A 116 12.12 1.88 -3.42
N ALA A 117 13.44 1.71 -3.60
CA ALA A 117 14.04 1.71 -4.93
C ALA A 117 13.55 0.59 -5.86
N THR A 118 12.86 -0.40 -5.26
CA THR A 118 12.16 -1.40 -6.01
C THR A 118 11.32 -0.81 -7.15
N ALA A 119 10.67 0.32 -6.90
CA ALA A 119 9.84 0.93 -7.87
C ALA A 119 10.65 1.18 -9.15
N LEU A 120 11.87 1.66 -9.00
CA LEU A 120 12.74 2.01 -10.12
C LEU A 120 13.41 0.78 -10.71
N LEU A 121 13.83 -0.15 -9.87
CA LEU A 121 14.43 -1.37 -10.39
C LEU A 121 13.50 -2.14 -11.27
N LEU A 122 12.24 -2.29 -10.80
CA LEU A 122 11.26 -2.98 -11.57
C LEU A 122 10.77 -2.14 -12.76
N GLY A 123 10.63 -0.82 -12.60
CA GLY A 123 10.22 -0.03 -13.74
C GLY A 123 11.23 -0.03 -14.86
N ILE A 124 12.50 0.08 -14.56
CA ILE A 124 13.52 0.01 -15.57
C ILE A 124 13.51 -1.35 -16.31
N TYR A 125 13.44 -2.42 -15.53
CA TYR A 125 13.31 -3.74 -16.10
C TYR A 125 12.06 -3.87 -17.00
N ALA A 126 10.93 -3.39 -16.53
CA ALA A 126 9.69 -3.48 -17.26
C ALA A 126 9.79 -2.74 -18.58
N LYS A 127 10.37 -1.53 -18.59
CA LYS A 127 10.41 -0.67 -19.74
C LYS A 127 11.52 -1.08 -20.75
N THR A 128 12.62 -1.66 -20.26
CA THR A 128 13.79 -1.88 -21.12
C THR A 128 14.20 -3.33 -21.31
N GLY A 129 13.77 -4.19 -20.39
CA GLY A 129 14.13 -5.61 -20.39
C GLY A 129 15.56 -5.93 -19.89
N ILE A 130 16.23 -4.90 -19.37
CA ILE A 130 17.59 -5.00 -18.87
C ILE A 130 17.47 -5.45 -17.41
N PRO A 131 18.17 -6.51 -16.99
CA PRO A 131 18.20 -6.90 -15.57
C PRO A 131 18.71 -5.78 -14.66
N THR A 132 18.05 -5.68 -13.51
CA THR A 132 18.44 -4.73 -12.49
C THR A 132 18.72 -5.52 -11.21
N PHE A 133 19.21 -4.87 -10.18
CA PHE A 133 19.83 -5.55 -9.06
C PHE A 133 19.25 -5.10 -7.71
N TYR A 134 18.69 -6.10 -6.99
CA TYR A 134 18.23 -5.89 -5.63
C TYR A 134 19.45 -6.11 -4.72
N GLY A 135 19.96 -5.02 -4.14
CA GLY A 135 21.22 -5.05 -3.52
C GLY A 135 21.49 -3.75 -2.81
N PRO A 136 22.75 -3.52 -2.40
CA PRO A 136 23.04 -2.36 -1.58
C PRO A 136 22.59 -1.02 -2.08
N ALA A 137 22.12 -0.26 -1.10
CA ALA A 137 21.97 1.22 -1.24
C ALA A 137 23.12 1.82 -0.41
N LEU A 138 23.58 2.99 -0.82
CA LEU A 138 24.85 3.49 -0.31
C LEU A 138 24.87 3.61 1.21
N VAL A 139 23.93 4.32 1.75
CA VAL A 139 24.02 4.71 3.18
C VAL A 139 23.70 3.55 4.12
N PRO A 140 22.52 2.87 3.97
CA PRO A 140 22.23 1.74 4.87
C PRO A 140 23.27 0.65 4.73
N SER A 141 23.65 0.31 3.49
CA SER A 141 24.41 -0.90 3.23
C SER A 141 25.91 -0.70 3.43
N PHE A 142 26.48 0.34 2.79
CA PHE A 142 27.92 0.56 2.86
C PHE A 142 28.35 1.52 3.93
N GLY A 143 27.41 2.14 4.64
CA GLY A 143 27.66 2.90 5.88
C GLY A 143 27.68 2.02 7.14
N GLU A 144 27.30 0.79 6.99
CA GLU A 144 27.33 -0.17 8.10
C GLU A 144 28.75 -0.35 8.58
N PHE A 145 28.93 -0.42 9.92
CA PHE A 145 30.23 -0.70 10.47
C PHE A 145 30.64 -2.17 10.20
N GLU A 146 31.94 -2.44 10.37
CA GLU A 146 32.43 -3.78 10.51
C GLU A 146 31.65 -4.47 11.65
N PRO A 147 31.44 -5.80 11.54
CA PRO A 147 31.94 -6.67 10.48
C PRO A 147 31.06 -6.80 9.25
N PHE A 148 29.78 -6.52 9.40
CA PHE A 148 28.81 -6.93 8.39
C PHE A 148 29.01 -6.25 7.05
N VAL A 149 29.49 -5.02 7.02
CA VAL A 149 29.70 -4.32 5.78
C VAL A 149 30.58 -5.14 4.83
N ASP A 150 31.58 -5.80 5.42
CA ASP A 150 32.57 -6.49 4.60
C ASP A 150 31.95 -7.70 3.89
N ASP A 151 30.94 -8.36 4.51
CA ASP A 151 30.24 -9.45 3.85
C ASP A 151 29.25 -8.94 2.79
N THR A 152 28.58 -7.81 3.07
CA THR A 152 27.76 -7.19 2.03
C THR A 152 28.65 -6.86 0.82
N TYR A 153 29.83 -6.30 1.08
CA TYR A 153 30.75 -5.93 0.01
C TYR A 153 31.21 -7.17 -0.82
N LYS A 154 31.55 -8.23 -0.14
CA LYS A 154 31.93 -9.49 -0.82
C LYS A 154 30.86 -9.94 -1.79
N TYR A 155 29.59 -9.91 -1.33
CA TYR A 155 28.45 -10.29 -2.16
C TYR A 155 28.27 -9.34 -3.32
N PHE A 156 28.52 -8.07 -3.15
CA PHE A 156 28.41 -7.02 -4.22
C PHE A 156 29.44 -7.33 -5.32
N LEU A 157 30.69 -7.63 -4.92
CA LEU A 157 31.68 -7.98 -5.92
C LEU A 157 31.33 -9.24 -6.64
N GLU A 158 30.82 -10.21 -5.92
CA GLU A 158 30.48 -11.46 -6.58
C GLU A 158 29.48 -11.35 -7.72
N THR A 159 28.46 -10.54 -7.50
CA THR A 159 27.43 -10.36 -8.51
C THR A 159 27.86 -9.38 -9.60
N LEU A 160 28.51 -8.29 -9.23
CA LEU A 160 28.70 -7.22 -10.16
C LEU A 160 30.05 -7.15 -10.85
N LEU A 161 31.09 -7.68 -10.19
CA LEU A 161 32.47 -7.44 -10.66
C LEU A 161 33.18 -8.74 -11.09
N HIS A 162 33.07 -9.77 -10.30
CA HIS A 162 33.73 -11.05 -10.64
C HIS A 162 33.21 -11.61 -11.93
N ASP A 163 34.09 -12.30 -12.63
CA ASP A 163 33.72 -13.09 -13.80
C ASP A 163 33.10 -14.33 -13.23
N GLN A 164 31.83 -14.53 -13.44
CA GLN A 164 31.11 -15.68 -12.89
C GLN A 164 30.67 -16.60 -13.97
N ALA A 165 31.01 -17.86 -13.79
CA ALA A 165 30.54 -18.87 -14.68
C ALA A 165 29.10 -19.26 -14.24
N LEU A 166 28.35 -19.80 -15.18
CA LEU A 166 27.03 -20.27 -14.89
C LEU A 166 27.13 -21.73 -14.63
N PRO A 167 26.30 -22.22 -13.71
CA PRO A 167 25.36 -21.49 -12.86
C PRO A 167 26.05 -20.79 -11.70
N TYR A 168 25.48 -19.65 -11.29
CA TYR A 168 26.06 -18.85 -10.23
C TYR A 168 25.38 -19.15 -8.94
N ASN A 169 26.11 -19.79 -8.02
CA ASN A 169 25.54 -20.26 -6.73
C ASN A 169 25.53 -19.12 -5.67
N ILE A 170 24.37 -18.82 -5.11
CA ILE A 170 24.18 -17.77 -4.12
C ILE A 170 24.20 -18.44 -2.71
N LYS A 171 25.26 -18.19 -1.94
CA LYS A 171 25.50 -18.87 -0.69
C LYS A 171 25.02 -18.04 0.53
N GLN A 172 24.57 -18.74 1.56
CA GLN A 172 24.08 -18.20 2.80
C GLN A 172 25.24 -17.67 3.67
N PRO A 173 25.08 -16.44 4.25
CA PRO A 173 26.12 -16.01 5.19
C PRO A 173 26.05 -16.77 6.50
N LEU A 174 27.17 -16.83 7.18
CA LEU A 174 27.20 -17.50 8.46
C LEU A 174 26.43 -16.83 9.58
N PHE A 175 26.45 -15.51 9.60
CA PHE A 175 25.84 -14.74 10.66
C PHE A 175 25.08 -13.57 10.01
N TRP A 176 24.10 -13.06 10.73
CA TRP A 176 23.36 -11.92 10.33
C TRP A 176 23.04 -11.04 11.54
N SER A 177 22.46 -9.86 11.27
CA SER A 177 21.92 -8.98 12.26
C SER A 177 20.83 -8.10 11.73
N ASP A 178 19.88 -7.76 12.57
CA ASP A 178 18.92 -6.70 12.31
C ASP A 178 18.88 -5.67 13.43
N GLU A 179 19.90 -5.66 14.27
CA GLU A 179 19.89 -4.87 15.50
C GLU A 179 19.78 -3.41 15.13
N PHE A 180 18.94 -2.72 15.90
CA PHE A 180 18.61 -1.32 15.66
C PHE A 180 19.59 -0.42 16.49
N ILE A 181 20.87 -0.46 16.12
CA ILE A 181 21.94 0.31 16.78
C ILE A 181 22.96 0.73 15.71
N ASN A 182 23.90 1.55 16.11
CA ASN A 182 25.05 1.87 15.33
C ASN A 182 24.71 2.54 13.99
N TRP A 183 23.77 3.46 13.98
CA TRP A 183 23.40 4.12 12.72
C TRP A 183 24.42 5.16 12.29
N GLU A 184 24.51 6.25 13.08
CA GLU A 184 25.57 7.23 12.86
C GLU A 184 26.91 6.95 13.50
N GLU A 185 26.86 6.61 14.79
CA GLU A 185 28.02 6.25 15.60
C GLU A 185 27.86 4.84 16.17
N LYS A 186 29.00 4.18 16.40
CA LYS A 186 29.04 2.85 16.91
C LYS A 186 29.11 2.92 18.42
N THR A 187 28.24 2.18 19.10
CA THR A 187 28.23 2.08 20.56
C THR A 187 28.57 0.73 21.14
N LYS A 188 28.33 -0.35 20.40
CA LYS A 188 28.79 -1.68 20.83
C LYS A 188 28.79 -2.55 19.59
N GLU A 189 29.28 -3.78 19.71
CA GLU A 189 29.25 -4.73 18.60
C GLU A 189 27.82 -5.20 18.48
N LYS A 190 27.35 -5.35 17.27
CA LYS A 190 26.07 -6.03 17.02
C LYS A 190 26.23 -7.53 17.33
N GLU A 191 25.22 -8.10 17.98
CA GLU A 191 25.23 -9.54 18.24
C GLU A 191 25.27 -10.29 16.90
N LEU A 192 26.03 -11.37 16.87
CA LEU A 192 26.09 -12.25 15.72
C LEU A 192 24.94 -13.23 15.87
N ARG A 193 24.02 -13.22 14.89
CA ARG A 193 22.93 -14.17 14.90
C ARG A 193 23.27 -15.36 13.97
N PRO A 194 23.41 -16.63 14.47
CA PRO A 194 23.67 -17.71 13.56
C PRO A 194 22.55 -17.82 12.52
N ASN A 195 22.93 -18.17 11.32
CA ASN A 195 21.95 -18.13 10.22
C ASN A 195 21.37 -19.46 9.90
N ASN A 196 20.20 -19.40 9.27
CA ASN A 196 19.61 -20.52 8.58
C ASN A 196 18.67 -19.98 7.53
N TRP A 197 18.61 -20.62 6.37
CA TRP A 197 17.50 -20.44 5.48
C TRP A 197 16.45 -21.48 5.86
N ILE A 198 15.19 -21.18 5.65
CA ILE A 198 14.13 -22.04 6.18
C ILE A 198 13.42 -22.76 5.02
N SER A 199 13.37 -24.09 5.09
CA SER A 199 12.60 -24.94 4.15
C SER A 199 11.16 -24.95 4.61
N VAL A 200 10.43 -23.90 4.23
CA VAL A 200 9.08 -23.81 4.73
C VAL A 200 8.12 -24.78 4.03
N THR A 201 8.27 -24.89 2.70
CA THR A 201 7.53 -25.82 1.87
C THR A 201 8.52 -26.40 0.89
N ASN A 202 8.69 -27.74 0.97
CA ASN A 202 9.73 -28.41 0.19
C ASN A 202 9.39 -28.31 -1.31
N GLY A 203 10.42 -28.36 -2.13
CA GLY A 203 10.31 -28.49 -3.58
C GLY A 203 11.33 -27.61 -4.28
N GLN A 204 11.28 -27.68 -5.61
CA GLN A 204 12.19 -26.98 -6.46
C GLN A 204 11.35 -26.23 -7.50
N ALA A 205 11.95 -25.20 -8.04
CA ALA A 205 11.38 -24.37 -9.12
C ALA A 205 12.47 -23.70 -9.92
N THR A 206 12.23 -23.52 -11.22
CA THR A 206 13.14 -22.83 -12.13
C THR A 206 12.23 -21.90 -12.89
N GLY A 207 12.62 -20.63 -12.96
CA GLY A 207 11.84 -19.65 -13.62
C GLY A 207 12.53 -18.29 -13.48
N ARG A 208 12.03 -17.32 -14.22
CA ARG A 208 12.49 -15.95 -14.13
C ARG A 208 12.13 -15.42 -12.72
N VAL A 209 13.10 -14.80 -12.07
CA VAL A 209 12.86 -14.19 -10.79
C VAL A 209 12.37 -12.74 -10.95
N ILE A 210 11.26 -12.44 -10.23
CA ILE A 210 10.65 -11.16 -10.21
C ILE A 210 10.28 -10.78 -8.80
N GLY A 211 10.56 -9.55 -8.40
CA GLY A 211 10.11 -9.07 -7.11
C GLY A 211 11.01 -8.01 -6.54
N GLY A 212 11.04 -8.03 -5.23
CA GLY A 212 11.76 -7.01 -4.45
C GLY A 212 10.98 -6.71 -3.19
N ASN A 213 10.89 -5.44 -2.84
CA ASN A 213 10.19 -5.03 -1.61
C ASN A 213 8.69 -5.05 -1.85
N LEU A 214 8.00 -5.89 -1.13
CA LEU A 214 6.57 -6.13 -1.37
C LEU A 214 5.71 -4.89 -1.13
N ASN A 215 5.95 -4.23 -0.04
CA ASN A 215 5.22 -3.00 0.28
C ASN A 215 5.27 -2.03 -0.87
N THR A 216 6.48 -1.90 -1.43
CA THR A 216 6.72 -0.98 -2.51
C THR A 216 6.05 -1.41 -3.81
N ILE A 217 6.00 -2.70 -4.08
CA ILE A 217 5.30 -3.24 -5.24
C ILE A 217 3.86 -2.75 -5.31
N GLN A 218 3.22 -2.58 -4.14
CA GLN A 218 1.83 -2.10 -4.15
C GLN A 218 1.67 -0.66 -4.61
N GLY A 219 2.76 0.08 -4.70
CA GLY A 219 2.75 1.42 -5.27
C GLY A 219 2.93 1.48 -6.77
N ILE A 220 3.28 0.39 -7.43
CA ILE A 220 3.44 0.33 -8.86
C ILE A 220 2.57 -0.72 -9.54
N TRP A 221 1.89 -1.54 -8.77
CA TRP A 221 1.13 -2.65 -9.34
C TRP A 221 0.11 -2.13 -10.32
N GLY A 222 -0.04 -2.86 -11.43
CA GLY A 222 -1.00 -2.54 -12.51
C GLY A 222 -0.54 -1.57 -13.59
N SER A 223 0.59 -0.91 -13.33
CA SER A 223 1.09 0.13 -14.15
C SER A 223 2.01 -0.46 -15.23
N PRO A 224 2.42 0.39 -16.16
CA PRO A 224 3.40 -0.09 -17.14
C PRO A 224 4.78 -0.36 -16.57
N TYR A 225 5.00 0.06 -15.36
CA TYR A 225 6.28 -0.05 -14.71
C TYR A 225 6.41 -1.32 -13.86
N MET A 226 5.31 -2.07 -13.72
CA MET A 226 5.33 -3.35 -13.02
C MET A 226 5.41 -4.46 -14.09
N PRO A 227 6.54 -5.22 -14.14
CA PRO A 227 6.59 -6.33 -15.03
C PRO A 227 5.47 -7.26 -14.76
N CYS A 228 4.85 -7.74 -15.84
CA CYS A 228 3.80 -8.71 -15.67
CA CYS A 228 3.82 -8.72 -15.72
C CYS A 228 4.35 -10.03 -15.11
N ILE A 229 3.69 -10.58 -14.10
CA ILE A 229 4.07 -11.88 -13.56
C ILE A 229 3.48 -12.96 -14.51
N GLN A 230 4.36 -13.87 -14.88
CA GLN A 230 4.01 -14.89 -15.84
C GLN A 230 4.02 -16.25 -15.16
N GLU A 231 3.27 -17.17 -15.73
CA GLU A 231 3.28 -18.55 -15.36
C GLU A 231 4.70 -19.11 -15.31
N GLY A 232 5.02 -19.62 -14.10
CA GLY A 232 6.32 -20.22 -13.88
C GLY A 232 7.44 -19.31 -13.34
N ASP A 233 7.16 -18.03 -13.17
CA ASP A 233 8.07 -17.15 -12.52
C ASP A 233 8.31 -17.57 -11.09
N ILE A 234 9.48 -17.20 -10.58
CA ILE A 234 9.80 -17.29 -9.18
C ILE A 234 9.59 -15.91 -8.55
N LEU A 235 8.81 -15.91 -7.48
CA LEU A 235 8.52 -14.63 -6.74
C LEU A 235 9.55 -14.44 -5.63
N PHE A 236 10.27 -13.33 -5.70
CA PHE A 236 11.16 -12.95 -4.60
C PHE A 236 10.53 -11.72 -3.92
N ILE A 237 10.20 -11.86 -2.63
CA ILE A 237 9.62 -10.80 -1.87
C ILE A 237 10.27 -10.61 -0.53
N GLU A 238 10.37 -9.38 -0.09
CA GLU A 238 10.75 -9.08 1.26
C GLU A 238 10.00 -7.87 1.75
N ASP A 239 9.73 -7.85 3.04
CA ASP A 239 9.35 -6.64 3.78
C ASP A 239 10.28 -6.47 4.97
N SER A 240 10.38 -5.21 5.43
CA SER A 240 11.31 -4.81 6.48
C SER A 240 10.63 -3.81 7.36
N SER A 241 10.82 -3.97 8.68
CA SER A 241 10.33 -3.08 9.70
C SER A 241 8.84 -2.74 9.58
N LYS A 242 8.09 -3.78 9.29
CA LYS A 242 6.65 -3.68 9.29
C LYS A 242 6.11 -4.61 10.39
N ASP A 243 4.82 -4.89 10.32
CA ASP A 243 4.09 -5.67 11.35
C ASP A 243 3.23 -6.72 10.70
N ALA A 244 2.63 -7.57 11.55
CA ALA A 244 1.87 -8.73 11.04
C ALA A 244 0.66 -8.25 10.23
N ALA A 245 0.01 -7.17 10.65
CA ALA A 245 -1.18 -6.74 9.94
C ALA A 245 -0.80 -6.24 8.53
N THR A 246 0.27 -5.47 8.43
CA THR A 246 0.72 -4.97 7.13
C THR A 246 1.03 -6.14 6.17
N ILE A 247 1.80 -7.13 6.63
CA ILE A 247 2.21 -8.15 5.72
C ILE A 247 1.05 -9.07 5.38
N GLU A 248 0.11 -9.33 6.30
CA GLU A 248 -1.08 -10.10 5.91
C GLU A 248 -1.79 -9.38 4.76
N ARG A 249 -1.93 -8.06 4.86
CA ARG A 249 -2.58 -7.32 3.74
C ARG A 249 -1.85 -7.50 2.43
N SER A 250 -0.51 -7.43 2.48
CA SER A 250 0.29 -7.62 1.29
C SER A 250 0.22 -9.01 0.69
N PHE A 251 0.31 -10.03 1.57
CA PHE A 251 0.22 -11.40 1.11
C PHE A 251 -1.19 -11.69 0.48
N SER A 252 -2.23 -11.19 1.10
CA SER A 252 -3.56 -11.29 0.57
C SER A 252 -3.73 -10.53 -0.75
N PHE A 253 -3.09 -9.37 -0.90
CA PHE A 253 -3.03 -8.64 -2.16
C PHE A 253 -2.50 -9.53 -3.28
N LEU A 254 -1.41 -10.25 -2.99
CA LEU A 254 -0.85 -11.13 -4.04
C LEU A 254 -1.85 -12.26 -4.35
N LYS A 255 -2.41 -12.84 -3.31
CA LYS A 255 -3.38 -13.96 -3.46
C LYS A 255 -4.56 -13.59 -4.31
N ILE A 256 -5.21 -12.46 -4.03
CA ILE A 256 -6.39 -12.07 -4.79
C ILE A 256 -6.09 -11.62 -6.21
N ASN A 257 -4.83 -11.24 -6.45
CA ASN A 257 -4.36 -10.97 -7.79
C ASN A 257 -3.94 -12.20 -8.59
N GLY A 258 -4.07 -13.38 -8.01
CA GLY A 258 -3.80 -14.60 -8.74
C GLY A 258 -2.32 -14.93 -8.84
N VAL A 259 -1.47 -14.24 -8.08
CA VAL A 259 -0.04 -14.40 -8.25
C VAL A 259 0.37 -15.83 -7.88
N PHE A 260 -0.26 -16.39 -6.86
CA PHE A 260 0.09 -17.74 -6.39
C PHE A 260 -0.43 -18.83 -7.32
N ASP A 261 -1.28 -18.48 -8.24
CA ASP A 261 -1.69 -19.44 -9.27
C ASP A 261 -0.74 -19.44 -10.43
N LYS A 262 0.14 -18.45 -10.51
CA LYS A 262 1.13 -18.36 -11.59
C LYS A 262 2.53 -18.82 -11.17
N VAL A 263 3.00 -18.40 -10.02
CA VAL A 263 4.42 -18.59 -9.71
C VAL A 263 4.75 -20.04 -9.35
N SER A 264 5.99 -20.44 -9.68
CA SER A 264 6.49 -21.78 -9.43
CA SER A 264 6.42 -21.79 -9.38
C SER A 264 7.10 -21.97 -8.05
N GLY A 265 7.48 -20.85 -7.43
CA GLY A 265 8.14 -20.89 -6.14
C GLY A 265 8.24 -19.48 -5.57
N ILE A 266 8.53 -19.42 -4.29
CA ILE A 266 8.63 -18.17 -3.54
C ILE A 266 9.88 -18.14 -2.69
N ILE A 267 10.66 -17.06 -2.81
CA ILE A 267 11.82 -16.76 -1.95
C ILE A 267 11.40 -15.59 -1.08
N LEU A 268 11.36 -15.75 0.23
CA LEU A 268 10.95 -14.73 1.17
C LEU A 268 12.14 -14.25 1.99
N GLY A 269 12.42 -12.97 1.92
CA GLY A 269 13.50 -12.38 2.69
C GLY A 269 13.24 -12.41 4.20
N LYS A 270 14.34 -12.28 4.95
CA LYS A 270 14.15 -11.99 6.36
C LYS A 270 13.35 -10.68 6.52
N HIS A 271 12.75 -10.52 7.71
CA HIS A 271 11.97 -9.36 8.00
C HIS A 271 12.58 -8.64 9.20
N GLU A 272 13.41 -7.64 8.88
CA GLU A 272 14.12 -6.81 9.86
C GLU A 272 13.13 -6.26 10.89
N GLN A 273 13.44 -6.47 12.16
CA GLN A 273 12.67 -5.88 13.23
C GLN A 273 11.16 -6.11 13.12
N PHE A 274 10.79 -7.30 12.65
CA PHE A 274 9.36 -7.63 12.47
C PHE A 274 8.64 -7.42 13.81
N ASP A 275 7.47 -6.79 13.73
CA ASP A 275 6.56 -6.65 14.84
C ASP A 275 5.39 -7.65 14.62
N ASP A 276 5.40 -8.73 15.40
CA ASP A 276 4.42 -9.79 15.27
C ASP A 276 3.12 -9.49 15.98
N CYS A 277 3.00 -8.27 16.50
CA CYS A 277 1.75 -7.81 17.16
C CYS A 277 1.33 -8.67 18.36
N GLY A 278 2.32 -9.36 18.93
CA GLY A 278 2.07 -10.25 20.05
C GLY A 278 1.66 -11.65 19.77
N THR A 279 1.62 -11.99 18.47
CA THR A 279 1.13 -13.26 18.02
C THR A 279 2.10 -14.46 18.14
N ASN A 280 3.39 -14.15 18.17
CA ASN A 280 4.43 -15.16 18.10
C ASN A 280 4.49 -15.90 16.78
N ARG A 281 3.90 -15.32 15.75
CA ARG A 281 3.90 -15.90 14.42
C ARG A 281 5.03 -15.28 13.58
N LYS A 282 5.66 -16.10 12.75
CA LYS A 282 6.67 -15.68 11.82
C LYS A 282 6.02 -15.17 10.54
N PRO A 283 6.70 -14.31 9.81
CA PRO A 283 6.14 -13.89 8.51
C PRO A 283 5.72 -15.05 7.61
N TYR A 284 6.53 -16.09 7.49
CA TYR A 284 6.15 -17.17 6.63
C TYR A 284 4.91 -17.88 7.09
N GLU A 285 4.60 -17.87 8.39
CA GLU A 285 3.40 -18.53 8.86
C GLU A 285 2.15 -17.79 8.42
N ILE A 286 2.24 -16.45 8.39
CA ILE A 286 1.16 -15.62 7.89
C ILE A 286 0.96 -15.91 6.38
N LEU A 287 2.05 -15.99 5.62
CA LEU A 287 1.97 -16.35 4.24
C LEU A 287 1.36 -17.70 4.09
N LEU A 288 1.77 -18.68 4.89
CA LEU A 288 1.13 -20.01 4.76
C LEU A 288 -0.38 -19.99 5.02
N GLU A 289 -0.84 -19.14 5.95
CA GLU A 289 -2.29 -19.03 6.15
C GLU A 289 -2.97 -18.49 4.90
N VAL A 290 -2.40 -17.48 4.32
CA VAL A 290 -2.95 -16.92 3.10
C VAL A 290 -2.96 -17.94 1.93
N LEU A 291 -1.92 -18.76 1.88
CA LEU A 291 -1.84 -19.74 0.79
C LEU A 291 -2.84 -20.90 0.97
N GLN A 292 -3.37 -21.12 2.16
CA GLN A 292 -4.46 -22.14 2.38
C GLN A 292 -4.09 -23.48 1.77
N ASN A 293 -2.87 -23.92 2.05
CA ASN A 293 -2.45 -25.29 1.66
C ASN A 293 -2.14 -25.49 0.13
N GLN A 294 -2.02 -24.40 -0.60
CA GLN A 294 -1.56 -24.50 -1.96
C GLN A 294 -0.07 -24.80 -1.88
N ARG A 295 0.30 -25.86 -2.55
CA ARG A 295 1.64 -26.32 -2.46
C ARG A 295 2.60 -25.64 -3.44
N ILE A 296 3.23 -24.60 -2.94
CA ILE A 296 4.25 -23.83 -3.63
C ILE A 296 5.53 -23.93 -2.81
N PRO A 297 6.62 -24.35 -3.44
CA PRO A 297 7.91 -24.35 -2.78
C PRO A 297 8.22 -22.96 -2.19
N LEU A 298 8.68 -22.93 -0.97
CA LEU A 298 8.87 -21.69 -0.24
C LEU A 298 10.11 -21.78 0.63
N LEU A 299 11.09 -20.94 0.30
CA LEU A 299 12.35 -20.82 1.01
C LEU A 299 12.31 -19.45 1.69
N ALA A 300 12.47 -19.42 2.99
CA ALA A 300 12.37 -18.17 3.75
C ALA A 300 13.63 -17.80 4.51
N ASP A 301 13.59 -16.58 5.06
CA ASP A 301 14.73 -15.97 5.71
C ASP A 301 15.95 -15.77 4.78
N PHE A 302 15.67 -15.53 3.51
CA PHE A 302 16.73 -15.19 2.53
C PHE A 302 17.37 -13.84 2.86
N ASP A 303 18.72 -13.79 2.79
CA ASP A 303 19.52 -12.60 3.13
C ASP A 303 19.65 -11.60 2.01
N CYS A 304 18.50 -11.10 1.57
CA CYS A 304 18.42 -10.08 0.52
C CYS A 304 17.32 -9.08 0.86
N CYS A 305 17.61 -8.16 1.81
CA CYS A 305 16.62 -7.38 2.50
C CYS A 305 17.39 -6.37 3.37
N ALA A 306 16.73 -5.78 4.37
CA ALA A 306 17.35 -4.79 5.22
C ALA A 306 18.27 -5.38 6.31
N THR A 307 18.22 -6.67 6.55
CA THR A 307 19.15 -7.27 7.50
C THR A 307 20.54 -7.27 6.90
N HIS A 308 21.55 -7.35 7.74
CA HIS A 308 22.94 -7.43 7.30
C HIS A 308 23.53 -8.80 7.59
N PRO A 309 24.33 -9.31 6.63
CA PRO A 309 24.76 -8.72 5.37
C PRO A 309 23.74 -8.99 4.25
N MET A 310 23.90 -8.27 3.13
CA MET A 310 22.98 -8.32 2.05
C MET A 310 23.62 -8.96 0.83
N ILE A 311 22.93 -9.89 0.19
CA ILE A 311 23.26 -10.42 -1.13
C ILE A 311 22.85 -9.42 -2.19
N THR A 312 23.57 -9.44 -3.28
CA THR A 312 23.17 -8.68 -4.46
C THR A 312 22.56 -9.65 -5.49
N MET A 313 21.28 -9.47 -5.75
CA MET A 313 20.53 -10.36 -6.61
C MET A 313 20.05 -9.75 -7.88
N PRO A 314 20.40 -10.50 -8.99
CA PRO A 314 19.81 -10.05 -10.25
C PRO A 314 18.33 -10.33 -10.31
N ILE A 315 17.63 -9.40 -10.92
CA ILE A 315 16.19 -9.50 -11.11
C ILE A 315 15.88 -9.57 -12.61
N GLY A 316 14.99 -10.48 -13.00
CA GLY A 316 14.58 -10.60 -14.37
C GLY A 316 15.28 -11.67 -15.18
N VAL A 317 16.03 -12.52 -14.50
CA VAL A 317 16.80 -13.54 -15.13
C VAL A 317 16.38 -14.88 -14.56
N GLN A 318 16.67 -15.95 -15.30
CA GLN A 318 16.34 -17.29 -14.88
C GLN A 318 17.13 -17.72 -13.65
N VAL A 319 16.45 -18.35 -12.74
CA VAL A 319 16.94 -18.85 -11.47
C VAL A 319 16.41 -20.21 -11.22
N LYS A 320 17.24 -21.01 -10.55
CA LYS A 320 16.73 -22.22 -9.95
C LYS A 320 16.78 -22.14 -8.44
N MET A 321 15.69 -22.49 -7.77
CA MET A 321 15.62 -22.55 -6.30
C MET A 321 15.30 -23.97 -5.84
N ASP A 322 15.85 -24.36 -4.72
CA ASP A 322 15.51 -25.63 -4.12
C ASP A 322 15.23 -25.29 -2.69
N ALA A 323 13.94 -25.24 -2.33
CA ALA A 323 13.54 -24.97 -0.97
C ALA A 323 13.96 -26.05 0.03
N THR A 324 14.00 -27.29 -0.46
CA THR A 324 14.34 -28.46 0.40
C THR A 324 15.76 -28.42 0.82
N ASN A 325 16.65 -28.22 -0.16
CA ASN A 325 18.10 -28.28 0.07
C ASN A 325 18.69 -26.87 0.22
N LYS A 326 17.87 -25.81 0.17
CA LYS A 326 18.26 -24.43 0.50
C LYS A 326 19.30 -23.85 -0.44
N THR A 327 19.07 -23.97 -1.74
CA THR A 327 19.96 -23.40 -2.72
C THR A 327 19.23 -22.46 -3.65
N ILE A 328 20.02 -21.53 -4.17
CA ILE A 328 19.63 -20.62 -5.19
C ILE A 328 20.78 -20.49 -6.19
N HIS A 329 20.48 -20.75 -7.49
CA HIS A 329 21.44 -20.55 -8.51
C HIS A 329 20.90 -19.66 -9.57
N ILE A 330 21.72 -18.78 -10.14
CA ILE A 330 21.35 -17.92 -11.24
C ILE A 330 21.81 -18.64 -12.52
N LEU A 331 20.89 -18.82 -13.47
CA LEU A 331 21.11 -19.68 -14.67
C LEU A 331 21.40 -18.96 -15.93
N GLU A 332 21.21 -17.69 -15.97
CA GLU A 332 21.22 -16.88 -17.18
C GLU A 332 22.19 -15.72 -16.89
N LYS A 333 23.00 -15.31 -17.87
CA LYS A 333 23.94 -14.19 -17.67
C LYS A 333 23.12 -12.91 -17.44
N TRP A 334 23.69 -12.06 -16.59
CA TRP A 334 23.08 -10.84 -16.12
C TRP A 334 23.94 -9.62 -16.38
N LYS A 335 25.18 -9.85 -16.83
CA LYS A 335 26.10 -8.78 -17.13
C LYS A 335 27.09 -9.31 -18.20
N ILE A 336 27.84 -8.38 -18.77
CA ILE A 336 28.86 -8.72 -19.71
C ILE A 336 30.16 -8.77 -18.86
N SER B 1 -29.53 5.16 -17.09
CA SER B 1 -29.28 3.73 -17.42
C SER B 1 -30.51 2.92 -17.10
N ASN B 2 -30.48 1.66 -17.46
CA ASN B 2 -31.55 0.73 -17.12
C ASN B 2 -31.64 0.58 -15.62
N ALA B 3 -32.84 0.31 -15.15
CA ALA B 3 -33.03 -0.08 -13.75
C ALA B 3 -32.19 -1.30 -13.48
N MET B 4 -31.69 -1.37 -12.26
CA MET B 4 -30.83 -2.48 -11.81
C MET B 4 -31.22 -2.95 -10.44
N PRO B 5 -30.74 -4.14 -10.08
CA PRO B 5 -30.96 -4.61 -8.68
C PRO B 5 -30.40 -3.60 -7.66
N LEU B 6 -31.17 -3.39 -6.62
CA LEU B 6 -30.79 -2.46 -5.55
C LEU B 6 -31.19 -3.07 -4.24
N PRO B 7 -30.53 -2.65 -3.16
CA PRO B 7 -30.95 -3.11 -1.81
C PRO B 7 -32.18 -2.35 -1.37
N LYS B 8 -32.93 -2.97 -0.49
CA LYS B 8 -34.10 -2.33 0.15
C LYS B 8 -33.62 -1.23 1.10
N SER B 9 -34.35 -0.12 1.10
CA SER B 9 -34.14 0.93 2.14
C SER B 9 -34.22 0.35 3.52
N LEU B 10 -33.45 0.95 4.40
CA LEU B 10 -33.50 0.70 5.82
C LEU B 10 -34.87 1.15 6.32
N LYS B 11 -35.38 0.43 7.32
CA LYS B 11 -36.64 0.80 8.03
C LYS B 11 -36.38 0.82 9.47
N TYR B 12 -37.18 1.63 10.17
CA TYR B 12 -37.14 1.57 11.62
C TYR B 12 -37.36 0.13 12.11
N GLY B 13 -36.64 -0.26 13.15
CA GLY B 13 -36.77 -1.62 13.72
C GLY B 13 -35.97 -2.70 12.97
N ASP B 14 -35.27 -2.32 11.90
CA ASP B 14 -34.50 -3.31 11.13
C ASP B 14 -33.33 -3.83 11.96
N THR B 15 -32.81 -4.97 11.52
CA THR B 15 -31.65 -5.55 12.09
C THR B 15 -30.44 -5.13 11.24
N ILE B 16 -29.49 -4.58 11.99
CA ILE B 16 -28.14 -4.30 11.53
C ILE B 16 -27.23 -5.39 12.02
N GLY B 17 -26.62 -6.14 11.08
CA GLY B 17 -25.59 -7.11 11.44
C GLY B 17 -24.22 -6.50 11.46
N ILE B 18 -23.51 -6.74 12.52
CA ILE B 18 -22.16 -6.19 12.69
C ILE B 18 -21.11 -7.32 12.62
N TYR B 19 -19.97 -7.01 12.01
CA TYR B 19 -18.90 -7.94 11.84
C TYR B 19 -17.57 -7.17 12.02
N SER B 20 -16.51 -7.92 12.31
CA SER B 20 -15.19 -7.37 12.52
C SER B 20 -14.22 -7.99 11.53
N PRO B 21 -14.07 -7.37 10.36
CA PRO B 21 -13.23 -7.99 9.33
C PRO B 21 -11.74 -7.78 9.50
N SER B 22 -11.36 -6.97 10.51
CA SER B 22 -9.97 -6.69 10.79
C SER B 22 -9.75 -6.52 12.29
N SER B 23 -9.58 -5.33 12.75
CA SER B 23 -9.16 -5.11 14.17
C SER B 23 -10.25 -5.54 15.14
N PRO B 24 -9.86 -6.12 16.27
CA PRO B 24 -10.82 -6.68 17.26
C PRO B 24 -11.35 -5.61 18.24
N VAL B 25 -11.95 -4.54 17.69
CA VAL B 25 -12.37 -3.42 18.47
C VAL B 25 -13.35 -3.74 19.57
N THR B 26 -14.24 -4.69 19.33
CA THR B 26 -15.28 -5.04 20.31
C THR B 26 -14.65 -5.58 21.64
N TYR B 27 -13.44 -6.13 21.54
CA TYR B 27 -12.66 -6.57 22.66
C TYR B 27 -11.79 -5.44 23.21
N THR B 28 -11.08 -4.66 22.37
CA THR B 28 -10.13 -3.72 22.85
C THR B 28 -10.70 -2.36 23.26
N SER B 29 -11.86 -2.00 22.75
CA SER B 29 -12.55 -0.72 23.08
C SER B 29 -13.96 -0.97 23.53
N PRO B 30 -14.12 -1.69 24.62
CA PRO B 30 -15.47 -2.17 24.95
C PRO B 30 -16.44 -1.04 25.32
N LYS B 31 -15.96 0.08 25.90
CA LYS B 31 -16.90 1.14 26.25
C LYS B 31 -17.46 1.80 25.01
N ARG B 32 -16.61 2.12 24.04
CA ARG B 32 -17.11 2.81 22.83
C ARG B 32 -18.07 1.84 22.04
N PHE B 33 -17.68 0.53 22.03
CA PHE B 33 -18.50 -0.51 21.42
C PHE B 33 -19.85 -0.53 22.09
N GLU B 34 -19.86 -0.60 23.43
CA GLU B 34 -21.18 -0.63 24.10
C GLU B 34 -22.01 0.65 23.86
N ARG B 35 -21.33 1.81 23.89
CA ARG B 35 -22.00 3.07 23.63
C ARG B 35 -22.56 3.13 22.20
N ALA B 36 -21.81 2.65 21.22
CA ALA B 36 -22.32 2.63 19.86
C ALA B 36 -23.53 1.75 19.68
N LYS B 37 -23.45 0.52 20.19
CA LYS B 37 -24.63 -0.34 20.11
C LYS B 37 -25.82 0.31 20.77
N SER B 38 -25.62 0.84 21.98
CA SER B 38 -26.72 1.43 22.74
C SER B 38 -27.33 2.59 21.92
N TYR B 39 -26.49 3.34 21.23
CA TYR B 39 -26.95 4.47 20.49
C TYR B 39 -27.94 4.02 19.40
N LEU B 40 -27.57 3.02 18.63
CA LEU B 40 -28.50 2.47 17.58
C LEU B 40 -29.71 1.74 18.16
N LEU B 41 -29.50 0.98 19.23
CA LEU B 41 -30.63 0.24 19.88
C LEU B 41 -31.62 1.26 20.39
N GLN B 42 -31.08 2.37 20.96
CA GLN B 42 -31.93 3.38 21.52
C GLN B 42 -32.76 4.02 20.43
N LYS B 43 -32.22 4.08 19.20
CA LYS B 43 -33.04 4.58 18.04
C LYS B 43 -34.10 3.62 17.51
N GLY B 44 -34.05 2.38 17.97
CA GLY B 44 -35.03 1.38 17.65
C GLY B 44 -34.56 0.30 16.67
N PHE B 45 -33.25 0.22 16.34
CA PHE B 45 -32.76 -0.81 15.47
C PHE B 45 -32.42 -1.98 16.39
N HIS B 46 -32.29 -3.18 15.80
CA HIS B 46 -31.75 -4.36 16.46
C HIS B 46 -30.37 -4.53 15.89
N ILE B 47 -29.48 -5.01 16.72
CA ILE B 47 -28.12 -5.35 16.35
C ILE B 47 -27.93 -6.86 16.51
N LEU B 48 -27.52 -7.50 15.43
CA LEU B 48 -27.10 -8.89 15.40
C LEU B 48 -25.56 -8.90 15.41
N GLU B 49 -24.97 -9.36 16.51
CA GLU B 49 -23.58 -9.38 16.72
C GLU B 49 -22.97 -10.57 16.05
N GLY B 50 -22.07 -10.32 15.09
CA GLY B 50 -21.42 -11.41 14.41
C GLY B 50 -20.66 -12.30 15.35
N SER B 51 -20.32 -13.48 14.84
CA SER B 51 -19.64 -14.54 15.62
C SER B 51 -18.27 -14.23 16.23
N LEU B 52 -17.58 -13.15 15.77
CA LEU B 52 -16.31 -12.76 16.32
C LEU B 52 -16.42 -11.60 17.32
N THR B 53 -17.62 -11.22 17.66
CA THR B 53 -17.82 -10.13 18.60
C THR B 53 -17.28 -10.55 19.96
N GLY B 54 -16.43 -9.72 20.51
CA GLY B 54 -15.76 -10.01 21.77
C GLY B 54 -14.58 -10.94 21.71
N ARG B 55 -14.23 -11.46 20.53
CA ARG B 55 -13.08 -12.29 20.39
C ARG B 55 -11.82 -11.45 20.08
N TYR B 56 -10.68 -12.04 20.32
CA TYR B 56 -9.40 -11.39 20.21
C TYR B 56 -8.30 -12.28 19.64
N ASP B 57 -7.68 -11.82 18.53
CA ASP B 57 -6.54 -12.47 17.96
C ASP B 57 -5.52 -11.40 17.63
N TYR B 58 -5.21 -10.58 18.64
CA TYR B 58 -4.10 -9.65 18.62
C TYR B 58 -4.40 -8.47 17.66
N TYR B 59 -3.84 -8.51 16.44
CA TYR B 59 -4.11 -7.47 15.45
C TYR B 59 -5.40 -7.69 14.68
N ARG B 60 -6.07 -8.83 14.87
CA ARG B 60 -7.28 -9.14 14.15
C ARG B 60 -8.27 -9.84 15.09
N SER B 61 -9.48 -10.00 14.59
CA SER B 61 -10.59 -10.62 15.31
C SER B 61 -10.52 -12.17 15.27
N GLY B 62 -9.89 -12.73 14.26
CA GLY B 62 -9.79 -14.13 14.10
C GLY B 62 -9.08 -14.46 12.80
N SER B 63 -9.03 -15.74 12.46
CA SER B 63 -8.33 -16.19 11.27
C SER B 63 -9.09 -15.66 10.05
N ILE B 64 -8.45 -15.77 8.90
CA ILE B 64 -9.11 -15.43 7.67
C ILE B 64 -10.42 -16.20 7.49
N GLN B 65 -10.38 -17.51 7.70
CA GLN B 65 -11.56 -18.26 7.53
C GLN B 65 -12.66 -17.93 8.56
N GLU B 66 -12.30 -17.70 9.82
CA GLU B 66 -13.22 -17.26 10.83
C GLU B 66 -13.90 -15.95 10.48
N ARG B 67 -13.12 -15.00 9.95
CA ARG B 67 -13.71 -13.72 9.57
C ARG B 67 -14.67 -13.85 8.35
N ALA B 68 -14.28 -14.66 7.37
CA ALA B 68 -15.18 -14.88 6.20
C ALA B 68 -16.47 -15.51 6.67
N LYS B 69 -16.33 -16.49 7.57
CA LYS B 69 -17.51 -17.18 8.15
C LYS B 69 -18.46 -16.18 8.83
N GLU B 70 -17.86 -15.27 9.60
CA GLU B 70 -18.60 -14.23 10.34
C GLU B 70 -19.44 -13.44 9.36
N LEU B 71 -18.79 -12.90 8.33
CA LEU B 71 -19.50 -12.02 7.39
C LEU B 71 -20.53 -12.82 6.58
N ASN B 72 -20.16 -14.01 6.16
CA ASN B 72 -21.08 -14.83 5.33
C ASN B 72 -22.35 -15.15 6.07
N ALA B 73 -22.24 -15.36 7.36
CA ALA B 73 -23.44 -15.71 8.16
C ALA B 73 -24.44 -14.55 8.12
N LEU B 74 -23.91 -13.31 8.12
CA LEU B 74 -24.79 -12.14 7.92
C LEU B 74 -25.35 -11.98 6.51
N ILE B 75 -24.51 -12.23 5.51
CA ILE B 75 -24.95 -12.16 4.11
C ILE B 75 -26.13 -13.13 3.86
N ARG B 76 -26.03 -14.31 4.43
CA ARG B 76 -26.95 -15.38 4.21
C ARG B 76 -28.22 -15.32 5.11
N ASN B 77 -28.27 -14.34 5.99
CA ASN B 77 -29.38 -14.20 6.93
C ASN B 77 -30.42 -13.27 6.36
N PRO B 78 -31.63 -13.82 6.02
CA PRO B 78 -32.62 -12.97 5.34
C PRO B 78 -33.24 -11.87 6.24
N ASN B 79 -33.01 -11.97 7.55
CA ASN B 79 -33.54 -10.99 8.51
C ASN B 79 -32.66 -9.80 8.72
N VAL B 80 -31.47 -9.80 8.16
CA VAL B 80 -30.52 -8.67 8.31
C VAL B 80 -30.76 -7.72 7.13
N SER B 81 -31.01 -6.44 7.35
CA SER B 81 -31.21 -5.42 6.33
C SER B 81 -29.94 -4.65 5.97
N CYS B 82 -28.96 -4.60 6.89
CA CYS B 82 -27.79 -3.75 6.74
C CYS B 82 -26.66 -4.46 7.45
N ILE B 83 -25.50 -4.54 6.77
CA ILE B 83 -24.32 -5.19 7.28
C ILE B 83 -23.26 -4.09 7.40
N MET B 84 -22.82 -3.86 8.65
CA MET B 84 -21.97 -2.75 9.04
C MET B 84 -20.68 -3.25 9.73
N SER B 85 -19.50 -2.84 9.28
CA SER B 85 -18.28 -3.20 9.94
C SER B 85 -18.28 -2.50 11.31
N THR B 86 -17.60 -3.16 12.26
CA THR B 86 -17.40 -2.55 13.57
C THR B 86 -16.30 -1.46 13.52
N ILE B 87 -15.29 -1.68 12.68
CA ILE B 87 -14.13 -0.85 12.52
C ILE B 87 -13.32 -1.44 11.39
N GLY B 88 -12.32 -0.71 10.90
CA GLY B 88 -11.42 -1.24 9.89
C GLY B 88 -10.18 -1.85 10.52
N GLY B 89 -8.99 -1.45 10.02
CA GLY B 89 -7.72 -2.07 10.34
C GLY B 89 -6.87 -2.13 9.09
N MET B 90 -6.49 -3.34 8.72
CA MET B 90 -5.72 -3.64 7.53
C MET B 90 -6.08 -4.83 6.75
N ASN B 91 -6.91 -5.73 7.31
CA ASN B 91 -6.98 -7.09 6.82
C ASN B 91 -8.30 -7.59 6.20
N SER B 92 -9.19 -6.67 5.87
CA SER B 92 -10.43 -7.03 5.20
C SER B 92 -10.17 -7.70 3.84
N ASN B 93 -9.12 -7.30 3.12
CA ASN B 93 -8.90 -7.90 1.82
C ASN B 93 -8.66 -9.41 1.90
N SER B 94 -8.24 -9.91 3.03
CA SER B 94 -8.02 -11.36 3.17
C SER B 94 -9.30 -12.15 2.92
N LEU B 95 -10.45 -11.55 3.26
CA LEU B 95 -11.70 -12.28 3.15
C LEU B 95 -12.21 -12.49 1.75
N LEU B 96 -11.73 -11.67 0.80
CA LEU B 96 -12.34 -11.54 -0.53
C LEU B 96 -12.55 -12.85 -1.31
N PRO B 97 -11.62 -13.81 -1.27
CA PRO B 97 -11.86 -15.04 -2.02
C PRO B 97 -12.98 -15.90 -1.50
N TYR B 98 -13.40 -15.61 -0.28
CA TYR B 98 -14.22 -16.52 0.54
C TYR B 98 -15.61 -16.04 0.78
N ILE B 99 -15.91 -14.84 0.30
CA ILE B 99 -17.20 -14.27 0.52
C ILE B 99 -18.24 -14.91 -0.43
N ASP B 100 -19.42 -15.07 0.11
CA ASP B 100 -20.55 -15.64 -0.66
C ASP B 100 -21.26 -14.56 -1.47
N TYR B 101 -20.61 -14.21 -2.59
CA TYR B 101 -21.12 -13.19 -3.48
C TYR B 101 -22.48 -13.60 -4.08
N ASP B 102 -22.67 -14.92 -4.30
CA ASP B 102 -23.90 -15.40 -4.89
C ASP B 102 -25.04 -15.20 -3.86
N ALA B 103 -24.81 -15.45 -2.59
CA ALA B 103 -25.85 -15.22 -1.56
C ALA B 103 -26.17 -13.74 -1.43
N PHE B 104 -25.16 -12.86 -1.56
CA PHE B 104 -25.42 -11.45 -1.61
C PHE B 104 -26.25 -11.04 -2.78
N GLN B 105 -25.90 -11.57 -3.95
CA GLN B 105 -26.65 -11.27 -5.16
C GLN B 105 -28.12 -11.76 -5.06
N ASN B 106 -28.31 -12.90 -4.40
CA ASN B 106 -29.62 -13.48 -4.23
C ASN B 106 -30.52 -12.60 -3.32
N ASN B 107 -29.89 -11.91 -2.39
CA ASN B 107 -30.59 -11.10 -1.40
C ASN B 107 -29.75 -9.91 -1.00
N PRO B 108 -29.76 -8.89 -1.85
CA PRO B 108 -28.88 -7.74 -1.59
C PRO B 108 -29.30 -6.99 -0.38
N LYS B 109 -28.30 -6.48 0.32
CA LYS B 109 -28.47 -5.75 1.57
C LYS B 109 -27.64 -4.45 1.45
N ILE B 110 -27.88 -3.50 2.32
CA ILE B 110 -27.03 -2.32 2.52
C ILE B 110 -25.74 -2.79 3.21
N MET B 111 -24.62 -2.59 2.52
CA MET B 111 -23.29 -2.90 2.99
C MET B 111 -22.63 -1.60 3.27
N ILE B 112 -22.20 -1.29 4.49
CA ILE B 112 -21.68 0.02 4.85
C ILE B 112 -20.50 -0.08 5.82
N GLY B 113 -19.60 0.86 5.61
CA GLY B 113 -18.42 1.01 6.45
C GLY B 113 -17.45 1.91 5.75
N TYR B 114 -16.25 1.98 6.28
CA TYR B 114 -15.24 2.84 5.67
C TYR B 114 -13.83 2.34 5.99
N ALA B 115 -12.83 3.08 5.53
CA ALA B 115 -11.44 2.80 5.84
C ALA B 115 -11.09 1.39 5.28
N ASP B 116 -10.51 0.50 6.03
CA ASP B 116 -10.17 -0.80 5.50
C ASP B 116 -11.34 -1.57 4.92
N ALA B 117 -12.54 -1.32 5.41
CA ALA B 117 -13.74 -1.99 4.85
C ALA B 117 -13.99 -1.65 3.36
N THR B 118 -13.29 -0.64 2.82
CA THR B 118 -13.28 -0.36 1.37
C THR B 118 -13.05 -1.64 0.59
N ALA B 119 -12.15 -2.51 1.06
CA ALA B 119 -11.83 -3.72 0.27
C ALA B 119 -13.10 -4.55 0.02
N LEU B 120 -13.98 -4.59 1.04
CA LEU B 120 -15.20 -5.36 0.91
C LEU B 120 -16.29 -4.57 0.20
N LEU B 121 -16.39 -3.24 0.44
CA LEU B 121 -17.38 -2.44 -0.25
C LEU B 121 -17.15 -2.53 -1.76
N LEU B 122 -15.91 -2.35 -2.19
CA LEU B 122 -15.56 -2.36 -3.59
C LEU B 122 -15.61 -3.80 -4.15
N GLY B 123 -15.20 -4.78 -3.34
CA GLY B 123 -15.25 -6.16 -3.83
C GLY B 123 -16.67 -6.62 -4.03
N ILE B 124 -17.60 -6.30 -3.13
CA ILE B 124 -19.00 -6.67 -3.39
C ILE B 124 -19.56 -5.95 -4.61
N TYR B 125 -19.29 -4.66 -4.77
CA TYR B 125 -19.73 -3.95 -5.94
C TYR B 125 -19.13 -4.59 -7.21
N ALA B 126 -17.82 -4.89 -7.21
CA ALA B 126 -17.19 -5.42 -8.36
C ALA B 126 -17.83 -6.76 -8.77
N LYS B 127 -18.10 -7.59 -7.77
CA LYS B 127 -18.61 -8.94 -8.03
C LYS B 127 -20.10 -9.02 -8.34
N THR B 128 -20.87 -8.07 -7.86
CA THR B 128 -22.33 -8.16 -7.92
C THR B 128 -22.96 -7.04 -8.62
N GLY B 129 -22.28 -5.91 -8.80
CA GLY B 129 -22.92 -4.70 -9.29
C GLY B 129 -23.87 -3.91 -8.44
N ILE B 130 -24.05 -4.37 -7.21
CA ILE B 130 -24.92 -3.73 -6.21
CA ILE B 130 -24.91 -3.68 -6.26
C ILE B 130 -24.15 -2.55 -5.60
N PRO B 131 -24.73 -1.33 -5.64
CA PRO B 131 -24.08 -0.22 -4.91
C PRO B 131 -23.86 -0.55 -3.44
N THR B 132 -22.72 -0.12 -2.92
CA THR B 132 -22.37 -0.21 -1.56
C THR B 132 -22.14 1.20 -1.01
N PHE B 133 -21.88 1.32 0.29
CA PHE B 133 -21.95 2.61 0.95
C PHE B 133 -20.73 2.94 1.77
N TYR B 134 -20.06 4.03 1.40
CA TYR B 134 -18.93 4.56 2.19
C TYR B 134 -19.61 5.42 3.29
N GLY B 135 -19.54 4.96 4.52
CA GLY B 135 -20.28 5.53 5.60
C GLY B 135 -19.92 4.89 6.90
N PRO B 136 -20.76 5.12 7.91
CA PRO B 136 -20.44 4.76 9.25
C PRO B 136 -20.02 3.31 9.47
N ALA B 137 -18.99 3.15 10.29
CA ALA B 137 -18.67 1.91 10.98
C ALA B 137 -19.13 2.03 12.43
N LEU B 138 -19.55 0.92 13.03
CA LEU B 138 -20.26 1.03 14.28
C LEU B 138 -19.48 1.81 15.33
N VAL B 139 -18.26 1.40 15.63
CA VAL B 139 -17.59 1.86 16.84
C VAL B 139 -17.03 3.28 16.59
N PRO B 140 -16.24 3.55 15.53
CA PRO B 140 -15.76 4.93 15.38
C PRO B 140 -16.89 5.92 15.16
N SER B 141 -17.91 5.54 14.40
CA SER B 141 -18.88 6.51 13.92
C SER B 141 -20.00 6.71 14.91
N PHE B 142 -20.57 5.57 15.32
CA PHE B 142 -21.74 5.64 16.23
C PHE B 142 -21.40 5.57 17.72
N GLY B 143 -20.12 5.32 18.03
CA GLY B 143 -19.60 5.43 19.40
C GLY B 143 -19.10 6.83 19.73
N GLU B 144 -19.11 7.72 18.76
CA GLU B 144 -18.76 9.14 18.98
C GLU B 144 -19.80 9.75 19.96
N PHE B 145 -19.30 10.55 20.87
CA PHE B 145 -20.18 11.26 21.77
C PHE B 145 -20.97 12.34 21.02
N GLU B 146 -22.05 12.78 21.64
CA GLU B 146 -22.73 13.96 21.20
C GLU B 146 -21.70 15.14 21.19
N PRO B 147 -21.88 16.09 20.29
CA PRO B 147 -23.01 16.29 19.36
C PRO B 147 -22.77 15.67 17.99
N PHE B 148 -21.53 15.39 17.61
CA PHE B 148 -21.28 15.02 16.22
C PHE B 148 -22.01 13.73 15.82
N VAL B 149 -22.17 12.76 16.75
CA VAL B 149 -22.83 11.48 16.37
C VAL B 149 -24.17 11.77 15.78
N ASP B 150 -24.87 12.78 16.31
CA ASP B 150 -26.24 13.08 15.83
C ASP B 150 -26.26 13.56 14.36
N ASP B 151 -25.23 14.29 13.94
CA ASP B 151 -25.11 14.71 12.54
C ASP B 151 -24.79 13.48 11.63
N THR B 152 -23.87 12.63 12.05
CA THR B 152 -23.58 11.38 11.34
C THR B 152 -24.85 10.56 11.17
N TYR B 153 -25.63 10.43 12.25
CA TYR B 153 -26.86 9.62 12.23
C TYR B 153 -27.87 10.24 11.25
N LYS B 154 -28.00 11.58 11.28
CA LYS B 154 -28.88 12.27 10.40
C LYS B 154 -28.59 11.96 8.93
N TYR B 155 -27.30 12.01 8.55
CA TYR B 155 -26.91 11.75 7.17
CA TYR B 155 -26.96 11.74 7.16
C TYR B 155 -27.17 10.27 6.78
N PHE B 156 -26.92 9.38 7.71
CA PHE B 156 -27.18 7.92 7.57
C PHE B 156 -28.67 7.67 7.27
N LEU B 157 -29.56 8.28 8.07
CA LEU B 157 -30.95 8.15 7.80
C LEU B 157 -31.36 8.84 6.48
N GLU B 158 -30.84 10.01 6.19
CA GLU B 158 -31.23 10.70 5.00
C GLU B 158 -30.92 9.88 3.74
N THR B 159 -29.75 9.18 3.76
CA THR B 159 -29.33 8.43 2.58
C THR B 159 -29.96 7.03 2.54
N LEU B 160 -30.14 6.37 3.67
CA LEU B 160 -30.52 4.92 3.71
C LEU B 160 -31.95 4.65 4.04
N LEU B 161 -32.63 5.56 4.74
CA LEU B 161 -34.01 5.33 5.24
C LEU B 161 -35.02 6.21 4.51
N HIS B 162 -34.80 7.52 4.47
CA HIS B 162 -35.71 8.47 3.87
C HIS B 162 -35.75 8.31 2.37
N ASP B 163 -36.91 8.58 1.82
CA ASP B 163 -37.16 8.63 0.40
C ASP B 163 -36.45 9.88 -0.09
N GLN B 164 -35.77 9.79 -1.22
CA GLN B 164 -35.07 10.99 -1.79
C GLN B 164 -35.41 11.12 -3.27
N ALA B 165 -35.97 12.25 -3.68
CA ALA B 165 -36.05 12.64 -5.07
C ALA B 165 -34.70 12.97 -5.63
N LEU B 166 -34.56 12.68 -6.90
CA LEU B 166 -33.31 12.91 -7.62
C LEU B 166 -33.44 14.14 -8.49
N PRO B 167 -32.34 14.90 -8.64
CA PRO B 167 -31.02 14.85 -7.97
C PRO B 167 -31.13 15.04 -6.47
N TYR B 168 -30.34 14.28 -5.74
CA TYR B 168 -30.28 14.38 -4.27
C TYR B 168 -29.03 15.16 -3.92
N ASN B 169 -29.23 16.31 -3.29
CA ASN B 169 -28.14 17.18 -2.84
C ASN B 169 -27.53 16.66 -1.52
N ILE B 170 -26.20 16.54 -1.51
CA ILE B 170 -25.46 16.18 -0.35
C ILE B 170 -25.03 17.46 0.37
N LYS B 171 -25.65 17.77 1.50
CA LYS B 171 -25.44 19.07 2.09
C LYS B 171 -24.09 19.07 2.88
N GLN B 172 -23.44 20.25 2.94
CA GLN B 172 -22.24 20.40 3.69
C GLN B 172 -22.55 20.45 5.19
N PRO B 173 -21.88 19.63 6.01
CA PRO B 173 -22.01 19.85 7.43
C PRO B 173 -21.54 21.22 7.82
N LEU B 174 -22.11 21.76 8.91
CA LEU B 174 -21.75 23.13 9.37
C LEU B 174 -20.50 23.14 10.24
N PHE B 175 -20.23 22.03 10.95
CA PHE B 175 -19.12 21.96 11.88
C PHE B 175 -18.41 20.62 11.69
N TRP B 176 -17.15 20.56 12.11
CA TRP B 176 -16.39 19.33 12.06
C TRP B 176 -15.31 19.29 13.13
N SER B 177 -14.76 18.08 13.34
CA SER B 177 -13.60 17.88 14.18
C SER B 177 -12.87 16.65 13.77
N ASP B 178 -11.54 16.65 14.00
CA ASP B 178 -10.72 15.45 13.96
C ASP B 178 -9.93 15.25 15.25
N GLU B 179 -10.34 15.86 16.34
CA GLU B 179 -9.57 15.80 17.59
C GLU B 179 -9.41 14.36 18.06
N PHE B 180 -8.17 14.06 18.50
CA PHE B 180 -7.74 12.75 18.96
C PHE B 180 -8.01 12.65 20.46
N ILE B 181 -9.30 12.71 20.80
CA ILE B 181 -9.79 12.72 22.20
C ILE B 181 -11.06 11.92 22.26
N ASN B 182 -11.51 11.65 23.48
CA ASN B 182 -12.81 11.13 23.74
C ASN B 182 -13.08 9.77 23.03
N TRP B 183 -12.10 8.88 23.05
CA TRP B 183 -12.28 7.59 22.42
C TRP B 183 -13.17 6.70 23.30
N GLU B 184 -12.67 6.23 24.45
CA GLU B 184 -13.50 5.43 25.37
C GLU B 184 -14.31 6.30 26.32
N GLU B 185 -13.68 7.28 26.91
CA GLU B 185 -14.33 8.18 27.91
C GLU B 185 -14.21 9.62 27.48
N LYS B 186 -15.21 10.44 27.81
CA LYS B 186 -15.18 11.83 27.43
C LYS B 186 -14.46 12.65 28.43
N THR B 187 -13.50 13.48 27.98
CA THR B 187 -12.78 14.35 28.86
C THR B 187 -13.10 15.82 28.68
N LYS B 188 -13.54 16.22 27.48
CA LYS B 188 -13.96 17.61 27.22
C LYS B 188 -14.77 17.62 25.96
N GLU B 189 -15.36 18.75 25.67
CA GLU B 189 -16.07 18.92 24.40
C GLU B 189 -15.08 19.11 23.25
N LYS B 190 -15.30 18.40 22.13
CA LYS B 190 -14.58 18.71 20.91
C LYS B 190 -14.99 20.13 20.38
N GLU B 191 -14.03 20.85 19.83
CA GLU B 191 -14.26 22.10 19.15
C GLU B 191 -15.23 21.90 17.98
N LEU B 192 -16.25 22.78 17.91
CA LEU B 192 -17.14 22.81 16.77
C LEU B 192 -16.50 23.72 15.71
N ARG B 193 -15.64 23.16 14.86
CA ARG B 193 -14.92 23.99 13.93
C ARG B 193 -15.80 24.33 12.75
N PRO B 194 -15.87 25.59 12.32
CA PRO B 194 -16.65 25.93 11.15
C PRO B 194 -16.12 25.16 9.93
N ASN B 195 -17.06 24.59 9.16
CA ASN B 195 -16.71 23.73 8.07
C ASN B 195 -16.79 24.40 6.74
N ASN B 196 -16.00 23.90 5.84
CA ASN B 196 -16.05 24.26 4.43
C ASN B 196 -15.49 23.12 3.56
N TRP B 197 -16.01 23.02 2.36
CA TRP B 197 -15.37 22.24 1.30
C TRP B 197 -14.44 23.19 0.56
N ILE B 198 -13.53 22.66 -0.23
CA ILE B 198 -12.50 23.45 -0.90
C ILE B 198 -12.60 23.25 -2.42
N SER B 199 -12.70 24.37 -3.13
CA SER B 199 -12.62 24.39 -4.56
CA SER B 199 -12.62 24.36 -4.60
C SER B 199 -11.16 24.43 -5.03
N VAL B 200 -10.56 23.27 -5.15
CA VAL B 200 -9.14 23.19 -5.46
C VAL B 200 -8.86 23.57 -6.92
N THR B 201 -9.64 22.98 -7.79
CA THR B 201 -9.58 23.26 -9.22
C THR B 201 -11.00 23.32 -9.71
N ASN B 202 -11.34 24.46 -10.36
CA ASN B 202 -12.70 24.71 -10.76
C ASN B 202 -13.22 23.74 -11.86
N GLY B 203 -14.56 23.60 -11.93
CA GLY B 203 -15.22 22.86 -12.96
C GLY B 203 -16.25 21.91 -12.44
N GLN B 204 -16.79 21.15 -13.35
CA GLN B 204 -17.85 20.19 -13.08
C GLN B 204 -17.53 18.88 -13.75
N ALA B 205 -18.09 17.85 -13.14
CA ALA B 205 -18.02 16.51 -13.68
C ALA B 205 -19.26 15.77 -13.36
N THR B 206 -19.65 14.87 -14.28
CA THR B 206 -20.77 13.97 -14.07
C THR B 206 -20.34 12.58 -14.48
N GLY B 207 -20.46 11.62 -13.58
CA GLY B 207 -20.08 10.26 -13.88
C GLY B 207 -20.30 9.37 -12.67
N ARG B 208 -20.08 8.06 -12.89
CA ARG B 208 -20.14 7.07 -11.84
C ARG B 208 -19.10 7.31 -10.81
N VAL B 209 -19.45 7.42 -9.54
CA VAL B 209 -18.45 7.57 -8.45
C VAL B 209 -17.89 6.21 -8.04
N ILE B 210 -16.57 6.15 -7.95
CA ILE B 210 -15.82 4.97 -7.55
C ILE B 210 -14.74 5.41 -6.64
N GLY B 211 -14.53 4.68 -5.57
CA GLY B 211 -13.40 4.89 -4.71
C GLY B 211 -13.70 4.54 -3.25
N GLY B 212 -13.03 5.23 -2.34
CA GLY B 212 -13.06 4.95 -0.92
C GLY B 212 -11.73 5.28 -0.32
N ASN B 213 -11.24 4.44 0.61
CA ASN B 213 -9.98 4.70 1.26
C ASN B 213 -8.83 4.32 0.30
N LEU B 214 -8.00 5.30 -0.01
CA LEU B 214 -6.97 5.11 -1.04
C LEU B 214 -5.91 4.09 -0.59
N ASN B 215 -5.44 4.24 0.63
CA ASN B 215 -4.47 3.26 1.13
C ASN B 215 -4.96 1.85 0.98
N THR B 216 -6.25 1.62 1.28
CA THR B 216 -6.84 0.29 1.22
C THR B 216 -6.99 -0.20 -0.24
N ILE B 217 -7.27 0.71 -1.17
CA ILE B 217 -7.38 0.37 -2.60
C ILE B 217 -6.12 -0.34 -3.05
N GLN B 218 -4.96 0.09 -2.56
CA GLN B 218 -3.72 -0.53 -2.98
C GLN B 218 -3.58 -1.98 -2.51
N GLY B 219 -4.43 -2.44 -1.63
CA GLY B 219 -4.45 -3.85 -1.26
C GLY B 219 -5.39 -4.73 -2.13
N ILE B 220 -6.16 -4.14 -3.03
CA ILE B 220 -7.03 -4.88 -3.90
C ILE B 220 -6.82 -4.56 -5.38
N TRP B 221 -5.97 -3.58 -5.69
CA TRP B 221 -5.80 -3.12 -7.07
C TRP B 221 -5.35 -4.27 -7.96
N GLY B 222 -5.95 -4.31 -9.14
CA GLY B 222 -5.61 -5.33 -10.15
C GLY B 222 -6.36 -6.62 -10.05
N SER B 223 -7.06 -6.82 -8.93
CA SER B 223 -7.74 -8.08 -8.67
C SER B 223 -9.17 -8.05 -9.24
N PRO B 224 -9.87 -9.19 -9.17
CA PRO B 224 -11.26 -9.20 -9.56
C PRO B 224 -12.19 -8.46 -8.64
N TYR B 225 -11.68 -8.01 -7.52
CA TYR B 225 -12.44 -7.35 -6.44
C TYR B 225 -12.36 -5.82 -6.59
N MET B 226 -11.47 -5.33 -7.51
CA MET B 226 -11.38 -3.90 -7.75
C MET B 226 -12.20 -3.58 -8.96
N PRO B 227 -13.26 -2.76 -8.84
CA PRO B 227 -13.99 -2.42 -10.05
C PRO B 227 -13.07 -1.65 -10.99
N CYS B 228 -13.19 -1.95 -12.26
CA CYS B 228 -12.39 -1.22 -13.24
CA CYS B 228 -12.40 -1.24 -13.26
C CYS B 228 -12.85 0.24 -13.33
N ILE B 229 -11.88 1.16 -13.30
CA ILE B 229 -12.14 2.56 -13.47
C ILE B 229 -12.34 2.75 -14.97
N GLN B 230 -13.36 3.51 -15.32
CA GLN B 230 -13.75 3.77 -16.69
C GLN B 230 -13.67 5.23 -17.01
N GLU B 231 -13.48 5.50 -18.30
CA GLU B 231 -13.47 6.84 -18.81
C GLU B 231 -14.72 7.63 -18.27
N GLY B 232 -14.50 8.78 -17.67
CA GLY B 232 -15.58 9.59 -17.19
C GLY B 232 -15.99 9.37 -15.74
N ASP B 233 -15.50 8.32 -15.10
CA ASP B 233 -15.78 8.19 -13.68
C ASP B 233 -15.35 9.37 -12.85
N ILE B 234 -16.03 9.53 -11.72
CA ILE B 234 -15.58 10.47 -10.69
C ILE B 234 -14.86 9.67 -9.62
N LEU B 235 -13.61 10.04 -9.35
CA LEU B 235 -12.83 9.36 -8.32
C LEU B 235 -13.11 10.02 -6.98
N PHE B 236 -13.53 9.20 -6.02
CA PHE B 236 -13.63 9.58 -4.61
C PHE B 236 -12.54 8.89 -3.86
N ILE B 237 -11.68 9.66 -3.19
CA ILE B 237 -10.61 9.13 -2.37
C ILE B 237 -10.49 9.87 -1.06
N GLU B 238 -10.15 9.14 -0.01
CA GLU B 238 -9.72 9.72 1.22
C GLU B 238 -8.62 8.86 1.83
N ASP B 239 -7.75 9.53 2.57
CA ASP B 239 -6.89 8.89 3.54
C ASP B 239 -7.02 9.62 4.89
N SER B 240 -6.69 8.87 5.94
CA SER B 240 -6.83 9.27 7.30
C SER B 240 -5.64 8.85 8.14
N SER B 241 -5.17 9.75 8.98
CA SER B 241 -4.11 9.47 9.90
C SER B 241 -2.86 8.92 9.25
N LYS B 242 -2.53 9.50 8.11
CA LYS B 242 -1.31 9.18 7.38
C LYS B 242 -0.40 10.40 7.27
N ASP B 243 0.61 10.28 6.45
CA ASP B 243 1.55 11.37 6.28
C ASP B 243 1.83 11.72 4.85
N ALA B 244 2.57 12.81 4.67
CA ALA B 244 2.81 13.32 3.34
C ALA B 244 3.51 12.30 2.43
N ALA B 245 4.47 11.54 3.00
CA ALA B 245 5.20 10.57 2.19
C ALA B 245 4.29 9.45 1.70
N THR B 246 3.43 8.98 2.60
CA THR B 246 2.53 7.91 2.27
C THR B 246 1.54 8.36 1.18
N ILE B 247 0.94 9.55 1.31
CA ILE B 247 -0.04 9.96 0.34
C ILE B 247 0.59 10.33 -0.98
N GLU B 248 1.82 10.87 -1.02
CA GLU B 248 2.50 11.04 -2.30
C GLU B 248 2.61 9.70 -3.03
N ARG B 249 3.01 8.65 -2.29
CA ARG B 249 3.15 7.35 -2.94
C ARG B 249 1.81 6.93 -3.50
N SER B 250 0.73 7.07 -2.72
CA SER B 250 -0.59 6.66 -3.23
C SER B 250 -1.08 7.48 -4.41
N PHE B 251 -0.81 8.77 -4.43
CA PHE B 251 -1.19 9.57 -5.53
C PHE B 251 -0.42 9.22 -6.82
N SER B 252 0.88 9.00 -6.65
CA SER B 252 1.69 8.60 -7.79
C SER B 252 1.28 7.22 -8.30
N PHE B 253 0.88 6.33 -7.39
CA PHE B 253 0.30 5.02 -7.78
C PHE B 253 -0.88 5.19 -8.74
N LEU B 254 -1.76 6.13 -8.41
CA LEU B 254 -2.90 6.40 -9.31
C LEU B 254 -2.43 6.96 -10.67
N LYS B 255 -1.47 7.90 -10.60
CA LYS B 255 -0.96 8.56 -11.78
C LYS B 255 -0.34 7.51 -12.72
N ILE B 256 0.56 6.66 -12.24
CA ILE B 256 1.21 5.75 -13.12
C ILE B 256 0.28 4.67 -13.66
N ASN B 257 -0.84 4.45 -13.00
CA ASN B 257 -1.85 3.56 -13.47
C ASN B 257 -2.84 4.21 -14.45
N GLY B 258 -2.60 5.44 -14.81
CA GLY B 258 -3.47 6.04 -15.80
C GLY B 258 -4.81 6.53 -15.29
N VAL B 259 -5.03 6.49 -13.98
CA VAL B 259 -6.34 6.78 -13.45
C VAL B 259 -6.73 8.24 -13.80
N PHE B 260 -5.79 9.18 -13.69
CA PHE B 260 -6.07 10.54 -13.93
C PHE B 260 -6.30 10.86 -15.41
N ASP B 261 -5.92 9.96 -16.34
CA ASP B 261 -6.31 10.11 -17.70
C ASP B 261 -7.78 9.77 -17.95
N LYS B 262 -8.35 8.96 -17.08
CA LYS B 262 -9.71 8.48 -17.23
C LYS B 262 -10.76 9.31 -16.53
N VAL B 263 -10.51 9.74 -15.31
CA VAL B 263 -11.55 10.31 -14.51
C VAL B 263 -11.88 11.75 -14.93
N SER B 264 -13.13 12.13 -14.76
CA SER B 264 -13.58 13.48 -15.07
C SER B 264 -13.46 14.46 -13.94
N GLY B 265 -13.36 13.96 -12.71
CA GLY B 265 -13.23 14.84 -11.55
C GLY B 265 -12.78 13.98 -10.37
N ILE B 266 -12.39 14.66 -9.31
CA ILE B 266 -11.89 14.03 -8.10
C ILE B 266 -12.56 14.70 -6.88
N ILE B 267 -13.10 13.87 -5.97
CA ILE B 267 -13.57 14.30 -4.67
C ILE B 267 -12.59 13.74 -3.64
N LEU B 268 -11.95 14.62 -2.87
CA LEU B 268 -10.94 14.25 -1.87
C LEU B 268 -11.49 14.53 -0.48
N GLY B 269 -11.50 13.46 0.35
CA GLY B 269 -11.95 13.63 1.73
C GLY B 269 -10.98 14.47 2.55
N LYS B 270 -11.47 14.98 3.68
CA LYS B 270 -10.58 15.50 4.71
C LYS B 270 -9.59 14.41 5.14
N HIS B 271 -8.43 14.84 5.65
CA HIS B 271 -7.41 13.92 6.10
C HIS B 271 -7.19 14.10 7.62
N GLU B 272 -7.90 13.29 8.39
CA GLU B 272 -7.86 13.32 9.85
C GLU B 272 -6.40 13.26 10.31
N GLN B 273 -6.07 14.17 11.18
CA GLN B 273 -4.73 14.15 11.84
C GLN B 273 -3.57 13.97 10.87
N PHE B 274 -3.67 14.67 9.73
CA PHE B 274 -2.61 14.59 8.74
C PHE B 274 -1.26 15.00 9.30
N ASP B 275 -0.23 14.21 9.03
CA ASP B 275 1.15 14.54 9.37
C ASP B 275 1.82 15.08 8.08
N ASP B 276 2.05 16.39 8.02
CA ASP B 276 2.60 17.07 6.86
C ASP B 276 4.14 16.91 6.76
N CYS B 277 4.76 16.22 7.73
CA CYS B 277 6.18 15.98 7.73
C CYS B 277 7.01 17.25 7.81
N GLY B 278 6.45 18.33 8.31
CA GLY B 278 7.13 19.60 8.43
C GLY B 278 6.99 20.50 7.21
N THR B 279 6.31 20.02 6.16
CA THR B 279 6.24 20.74 4.89
C THR B 279 5.19 21.88 4.92
N ASN B 280 4.24 21.82 5.86
CA ASN B 280 3.10 22.77 5.85
CA ASN B 280 3.08 22.71 5.87
C ASN B 280 2.18 22.63 4.65
N ARG B 281 2.30 21.49 3.97
CA ARG B 281 1.53 21.24 2.77
C ARG B 281 0.20 20.54 3.09
N LYS B 282 -0.83 20.91 2.34
CA LYS B 282 -2.10 20.21 2.41
C LYS B 282 -2.07 18.99 1.55
N PRO B 283 -2.88 17.98 1.87
CA PRO B 283 -2.95 16.82 0.96
C PRO B 283 -3.25 17.18 -0.49
N TYR B 284 -4.16 18.10 -0.73
CA TYR B 284 -4.46 18.43 -2.11
C TYR B 284 -3.28 19.08 -2.83
N GLU B 285 -2.38 19.76 -2.09
CA GLU B 285 -1.20 20.35 -2.74
C GLU B 285 -0.26 19.27 -3.26
N ILE B 286 -0.15 18.21 -2.48
CA ILE B 286 0.70 17.07 -2.86
C ILE B 286 0.12 16.37 -4.08
N LEU B 287 -1.19 16.16 -4.04
CA LEU B 287 -1.90 15.60 -5.18
C LEU B 287 -1.70 16.45 -6.45
N LEU B 288 -1.82 17.78 -6.30
CA LEU B 288 -1.68 18.63 -7.47
C LEU B 288 -0.25 18.58 -8.01
N GLU B 289 0.79 18.41 -7.18
CA GLU B 289 2.12 18.24 -7.73
C GLU B 289 2.18 16.97 -8.59
N VAL B 290 1.57 15.90 -8.10
CA VAL B 290 1.52 14.66 -8.86
C VAL B 290 0.80 14.85 -10.18
N LEU B 291 -0.29 15.61 -10.17
CA LEU B 291 -1.02 15.88 -11.39
C LEU B 291 -0.23 16.69 -12.45
N GLN B 292 0.76 17.43 -12.00
CA GLN B 292 1.59 18.19 -12.91
C GLN B 292 0.75 19.15 -13.75
N ASN B 293 0.80 19.06 -15.08
CA ASN B 293 0.13 19.95 -15.93
C ASN B 293 -1.26 19.51 -16.38
N GLN B 294 -1.81 18.48 -15.74
CA GLN B 294 -3.14 17.98 -16.05
C GLN B 294 -4.16 18.63 -15.14
N ARG B 295 -5.08 19.36 -15.75
CA ARG B 295 -6.16 20.06 -15.05
C ARG B 295 -7.38 19.16 -14.90
N ILE B 296 -7.76 18.92 -13.65
CA ILE B 296 -8.91 18.06 -13.33
C ILE B 296 -9.72 18.78 -12.25
N PRO B 297 -11.03 18.96 -12.45
CA PRO B 297 -11.86 19.55 -11.38
C PRO B 297 -11.71 18.76 -10.08
N LEU B 298 -11.49 19.47 -8.96
CA LEU B 298 -11.24 18.82 -7.69
C LEU B 298 -11.88 19.54 -6.50
N LEU B 299 -12.76 18.82 -5.82
CA LEU B 299 -13.40 19.29 -4.63
C LEU B 299 -12.81 18.56 -3.42
N ALA B 300 -12.22 19.28 -2.48
CA ALA B 300 -11.49 18.66 -1.37
C ALA B 300 -12.15 19.01 -0.01
N ASP B 301 -11.63 18.34 1.02
CA ASP B 301 -12.13 18.44 2.38
C ASP B 301 -13.59 17.95 2.47
N PHE B 302 -13.96 16.98 1.63
CA PHE B 302 -15.24 16.38 1.74
C PHE B 302 -15.37 15.56 3.02
N ASP B 303 -16.55 15.65 3.66
CA ASP B 303 -16.78 15.01 4.97
C ASP B 303 -17.28 13.58 4.85
N CYS B 304 -16.45 12.71 4.26
CA CYS B 304 -16.77 11.33 4.12
C CYS B 304 -15.48 10.54 4.32
N CYS B 305 -15.11 10.41 5.59
CA CYS B 305 -13.82 10.03 5.99
C CYS B 305 -13.81 9.84 7.51
N ALA B 306 -12.66 9.78 8.15
CA ALA B 306 -12.58 9.57 9.59
C ALA B 306 -12.90 10.78 10.46
N THR B 307 -12.92 11.98 9.88
CA THR B 307 -13.35 13.18 10.61
C THR B 307 -14.84 13.08 10.91
N HIS B 308 -15.26 13.83 11.93
CA HIS B 308 -16.66 13.86 12.33
C HIS B 308 -17.27 15.20 11.92
N PRO B 309 -18.54 15.20 11.47
CA PRO B 309 -19.40 14.05 11.24
C PRO B 309 -19.10 13.42 9.85
N MET B 310 -19.73 12.30 9.59
CA MET B 310 -19.56 11.53 8.41
C MET B 310 -20.83 11.47 7.57
N ILE B 311 -20.70 11.79 6.30
CA ILE B 311 -21.68 11.58 5.30
C ILE B 311 -21.71 10.14 4.85
N THR B 312 -22.88 9.66 4.50
CA THR B 312 -23.02 8.33 3.90
C THR B 312 -23.14 8.48 2.38
N MET B 313 -22.24 7.85 1.66
CA MET B 313 -22.13 8.01 0.22
C MET B 313 -22.27 6.72 -0.53
N PRO B 314 -23.31 6.71 -1.45
CA PRO B 314 -23.32 5.51 -2.29
C PRO B 314 -22.16 5.52 -3.28
N ILE B 315 -21.68 4.33 -3.55
CA ILE B 315 -20.63 4.07 -4.50
C ILE B 315 -21.20 3.23 -5.65
N GLY B 316 -20.83 3.59 -6.86
CA GLY B 316 -21.25 2.91 -8.03
C GLY B 316 -22.44 3.45 -8.79
N VAL B 317 -22.84 4.68 -8.40
CA VAL B 317 -23.97 5.34 -9.02
C VAL B 317 -23.49 6.70 -9.60
N GLN B 318 -24.25 7.23 -10.56
CA GLN B 318 -23.95 8.51 -11.14
C GLN B 318 -24.11 9.65 -10.16
N VAL B 319 -23.14 10.55 -10.23
CA VAL B 319 -23.07 11.74 -9.42
C VAL B 319 -22.68 12.94 -10.29
N LYS B 320 -23.14 14.15 -9.89
CA LYS B 320 -22.63 15.38 -10.40
C LYS B 320 -21.86 16.14 -9.31
N MET B 321 -20.59 16.39 -9.61
CA MET B 321 -19.78 17.22 -8.73
C MET B 321 -19.58 18.58 -9.36
N ASP B 322 -19.71 19.63 -8.59
CA ASP B 322 -19.38 20.97 -9.03
C ASP B 322 -18.35 21.53 -8.13
N ALA B 323 -17.09 21.48 -8.56
CA ALA B 323 -16.00 21.95 -7.74
C ALA B 323 -15.97 23.46 -7.60
N THR B 324 -16.50 24.18 -8.57
CA THR B 324 -16.55 25.63 -8.50
C THR B 324 -17.47 26.10 -7.37
N ASN B 325 -18.68 25.49 -7.35
CA ASN B 325 -19.73 25.87 -6.41
C ASN B 325 -19.82 24.98 -5.20
N LYS B 326 -18.94 23.96 -5.14
CA LYS B 326 -18.85 23.08 -4.00
C LYS B 326 -20.17 22.34 -3.70
N THR B 327 -20.64 21.62 -4.72
CA THR B 327 -21.87 20.81 -4.61
C THR B 327 -21.61 19.37 -5.11
N ILE B 328 -22.34 18.47 -4.52
CA ILE B 328 -22.38 17.08 -4.89
C ILE B 328 -23.86 16.64 -4.92
N HIS B 329 -24.28 16.12 -6.05
CA HIS B 329 -25.63 15.53 -6.23
C HIS B 329 -25.59 14.11 -6.69
N ILE B 330 -26.41 13.28 -6.08
CA ILE B 330 -26.55 11.93 -6.50
C ILE B 330 -27.68 11.87 -7.58
N LEU B 331 -27.44 11.23 -8.75
CA LEU B 331 -28.36 11.33 -9.88
C LEU B 331 -29.07 10.06 -10.23
N GLU B 332 -28.78 8.96 -9.57
CA GLU B 332 -29.34 7.59 -9.85
C GLU B 332 -29.75 6.97 -8.55
N LYS B 333 -30.82 6.20 -8.54
CA LYS B 333 -31.25 5.48 -7.34
C LYS B 333 -30.22 4.53 -6.83
N TRP B 334 -30.16 4.45 -5.50
CA TRP B 334 -29.25 3.54 -4.81
C TRP B 334 -29.90 2.56 -3.85
N LYS B 335 -31.23 2.69 -3.72
CA LYS B 335 -32.01 1.84 -2.83
CA LYS B 335 -32.01 1.84 -2.83
C LYS B 335 -33.47 1.83 -3.33
N ILE B 336 -34.27 0.79 -2.96
CA ILE B 336 -35.72 0.77 -3.29
C ILE B 336 -36.67 0.79 -2.10
C1 GOL C . 27.64 -24.18 -9.06
O1 GOL C . 27.23 -24.70 -7.73
C2 GOL C . 29.13 -23.88 -9.18
O2 GOL C . 29.59 -22.80 -8.32
C3 GOL C . 29.52 -23.74 -10.67
O3 GOL C . 29.61 -22.46 -11.36
C1 EDO D . 20.59 -2.49 5.60
O1 EDO D . 19.42 -2.13 6.21
C2 EDO D . 21.18 -1.94 4.30
O2 EDO D . 21.27 -2.95 3.28
C1 GOL E . -5.99 3.54 6.06
O1 GOL E . -4.83 4.14 6.41
C2 GOL E . -5.72 2.24 6.59
O2 GOL E . -4.50 1.60 6.16
C3 GOL E . -6.92 1.40 6.39
O3 GOL E . -6.18 0.27 6.66
#